data_5FM7
#
_entry.id   5FM7
#
_cell.length_a   208.770
_cell.length_b   208.770
_cell.length_c   138.450
_cell.angle_alpha   90.00
_cell.angle_beta   90.00
_cell.angle_gamma   120.00
#
_symmetry.space_group_name_H-M   'H 3 2'
#
loop_
_entity.id
_entity.type
_entity.pdbx_description
1 polymer RVB1
2 polymer RVB2
3 non-polymer "ADENOSINE-5'-DIPHOSPHATE"
#
loop_
_entity_poly.entity_id
_entity_poly.type
_entity_poly.pdbx_seq_one_letter_code
_entity_poly.pdbx_strand_id
1 'polypeptide(L)'
;GAMVQISEVRGNTRDHRTAAHTHIKGLGLNSSGIAEKQAAGFVGQCAAREACGVVVDLIKAHKMAGRGVLLAGGPGTGKT
ALALAISQELGTKIPFCPITGSEIYSTEVKKTEVLMENFRRAIGLRVRETKDVYEGEVTEMTPEEAENPLGGYGKTISTL
LIGLKSARGQKKLRLDPSIYEAIQKERVQVGDVIYIETNTGACKRVGRSDAYATEFDLEAEEYVPIPKGEVHKKKEIVQD
VTLHDLDVANARPQGGQDIISMMGQLMKPKMTEITDKLRMEINKVVQKYINQGVAELIPGVLFIDEAHMLDIECFTYLNK
ALESPIAPIVVLASNRGIATIRGADDLKAAHGIPPDFLQRLLIIPTHPYEPDEIRRIVRIRAQTEGVQLTDAAVDRVAEH
GVRISLRYCLQLLAPASILARVNGRTQVDVQDIAEAEELFLDARRSANILTSTGESGGLHGFIS
;
A
2 'polypeptide(L)'
;GAMAAPLVTSVTETKELRGLNLIAAHSHIRGLGVDADTLEPRPSSQGLVGQEKARKAAAVVLEMIKQGKIAGRAVLIAGP
PSTGKTAIAMGMAQSLGQDVPFTTLAASEIFSLEMSKTEALTQAFRKSIGVRIKEESEIMEGEVVEIQIDRSVTGGAKQG
KLTIKTTDMEAIYDMGSKMIDAMTKERVMAGDIISIDKSSGKITKLGRSYARSRDYDAMGVDTKFLQCPEGELQKRKEVV
HTVSLHEIDVINSRTQGFLALFSGDTGEIRSEIRDQINTKVAEWKEEGKAEIVPGVLFIDEVHMLDIECFSYINRALESD
LAPIVIMASNRGVSRIRGTDYKSPHGLPLDFLDRVVIINTHPYTPDELRQILSIRAQEEEVDLTPDALALLTKIGQEAGL
RYASNLITTSQLIAAKRRAKQVGVEDVQRSFKLFYDPARSVRFVQESEKRLIGNDGVVDFSYQGAAEAAAPTLPAAAPVD
PVGGEKMDMS
;
B
#
loop_
_chem_comp.id
_chem_comp.type
_chem_comp.name
_chem_comp.formula
ADP non-polymer ADENOSINE-5'-DIPHOSPHATE 'C10 H15 N5 O10 P2'
#
# COMPACT_ATOMS: atom_id res chain seq x y z
N GLN A 5 -11.44 -22.99 15.32
CA GLN A 5 -11.80 -21.63 14.90
C GLN A 5 -13.18 -21.62 14.25
N ILE A 6 -13.88 -20.49 14.40
CA ILE A 6 -15.25 -20.39 13.93
C ILE A 6 -15.34 -19.58 12.62
N SER A 7 -16.29 -19.95 11.77
CA SER A 7 -16.48 -19.27 10.49
C SER A 7 -17.31 -17.99 10.65
N GLU A 8 -18.60 -18.17 10.90
CA GLU A 8 -19.50 -17.03 11.09
C GLU A 8 -19.15 -16.28 12.38
N VAL A 9 -18.84 -15.00 12.24
CA VAL A 9 -18.49 -14.18 13.40
C VAL A 9 -19.27 -12.88 13.40
N ARG A 10 -19.36 -12.23 14.56
CA ARG A 10 -19.97 -10.91 14.64
C ARG A 10 -18.89 -9.84 14.55
N GLY A 11 -19.31 -8.60 14.29
CA GLY A 11 -18.35 -7.52 14.14
C GLY A 11 -18.82 -6.21 14.76
N ASN A 12 -18.15 -5.79 15.82
CA ASN A 12 -18.48 -4.53 16.48
C ASN A 12 -17.70 -3.36 15.87
N THR A 13 -18.42 -2.51 15.15
CA THR A 13 -17.81 -1.35 14.51
C THR A 13 -17.87 -0.13 15.42
N ARG A 14 -16.77 0.61 15.48
CA ARG A 14 -16.72 1.83 16.29
C ARG A 14 -17.56 2.93 15.65
N ASP A 15 -18.87 2.85 15.82
CA ASP A 15 -19.81 3.78 15.21
C ASP A 15 -19.84 5.14 15.90
N HIS A 16 -19.08 5.26 16.98
CA HIS A 16 -18.94 6.53 17.69
C HIS A 16 -18.19 7.54 16.83
N ARG A 17 -17.48 7.05 15.83
CA ARG A 17 -16.61 7.88 15.02
C ARG A 17 -17.28 8.32 13.71
N THR A 18 -18.40 7.70 13.37
CA THR A 18 -19.12 8.03 12.15
C THR A 18 -20.48 8.66 12.45
N ALA A 19 -20.71 8.96 13.73
CA ALA A 19 -22.00 9.48 14.17
C ALA A 19 -22.32 10.85 13.58
N ALA A 20 -21.29 11.58 13.20
CA ALA A 20 -21.48 12.92 12.64
C ALA A 20 -21.42 12.89 11.11
N HIS A 21 -21.47 11.70 10.54
CA HIS A 21 -21.42 11.55 9.08
C HIS A 21 -22.47 10.56 8.59
N THR A 22 -23.56 10.44 9.33
CA THR A 22 -24.62 9.52 8.97
C THR A 22 -25.36 9.97 7.71
N HIS A 23 -25.30 11.28 7.46
CA HIS A 23 -25.98 11.87 6.31
C HIS A 23 -25.18 11.67 5.02
N ILE A 24 -23.88 11.45 5.16
CA ILE A 24 -23.02 11.23 4.00
C ILE A 24 -23.26 9.84 3.41
N LYS A 25 -23.83 9.81 2.21
CA LYS A 25 -24.17 8.56 1.55
C LYS A 25 -23.26 8.28 0.35
N GLY A 26 -22.59 9.32 -0.12
CA GLY A 26 -21.68 9.20 -1.26
C GLY A 26 -20.97 10.50 -1.57
N LEU A 27 -20.55 10.65 -2.83
CA LEU A 27 -19.87 11.86 -3.27
C LEU A 27 -20.79 12.76 -4.09
N GLY A 28 -21.85 12.17 -4.65
CA GLY A 28 -22.80 12.93 -5.43
C GLY A 28 -22.21 13.45 -6.74
N LEU A 29 -21.55 12.57 -7.46
CA LEU A 29 -20.95 12.92 -8.74
C LEU A 29 -21.79 12.41 -9.91
N ASN A 30 -21.76 13.14 -11.02
CA ASN A 30 -22.50 12.74 -12.21
C ASN A 30 -21.80 11.63 -12.96
N SER A 31 -22.34 11.27 -14.13
CA SER A 31 -21.76 10.22 -14.96
C SER A 31 -20.42 10.67 -15.52
N SER A 32 -20.25 11.99 -15.66
CA SER A 32 -19.02 12.55 -16.19
C SER A 32 -18.05 12.93 -15.08
N GLY A 33 -18.35 12.48 -13.86
CA GLY A 33 -17.49 12.72 -12.72
C GLY A 33 -17.42 14.17 -12.28
N ILE A 34 -18.54 14.87 -12.41
CA ILE A 34 -18.62 16.26 -11.98
C ILE A 34 -19.49 16.39 -10.73
N ALA A 35 -18.97 17.04 -9.70
CA ALA A 35 -19.65 17.13 -8.42
C ALA A 35 -20.90 18.01 -8.47
N GLU A 36 -22.00 17.47 -7.96
CA GLU A 36 -23.24 18.21 -7.84
C GLU A 36 -23.35 18.85 -6.46
N LYS A 37 -23.42 20.18 -6.42
CA LYS A 37 -23.57 20.89 -5.16
C LYS A 37 -24.89 20.50 -4.51
N GLN A 38 -24.84 20.20 -3.21
CA GLN A 38 -26.00 19.72 -2.46
C GLN A 38 -26.57 18.44 -3.06
N ALA A 39 -25.82 17.36 -2.92
CA ALA A 39 -26.24 16.05 -3.43
C ALA A 39 -25.56 14.92 -2.65
N ALA A 40 -26.31 13.85 -2.40
CA ALA A 40 -25.83 12.66 -1.68
C ALA A 40 -25.28 13.00 -0.30
N GLY A 41 -25.80 14.05 0.31
CA GLY A 41 -25.40 14.43 1.65
C GLY A 41 -24.36 15.53 1.69
N PHE A 42 -23.61 15.69 0.61
CA PHE A 42 -22.55 16.70 0.54
C PHE A 42 -23.09 18.06 0.11
N VAL A 43 -22.51 19.12 0.66
CA VAL A 43 -22.88 20.48 0.30
C VAL A 43 -21.66 21.27 -0.16
N GLY A 44 -21.61 21.59 -1.45
CA GLY A 44 -20.46 22.27 -2.01
C GLY A 44 -19.23 21.38 -1.97
N GLN A 45 -18.06 22.00 -1.82
CA GLN A 45 -16.78 21.28 -1.79
C GLN A 45 -16.64 20.42 -3.05
N CYS A 46 -17.00 21.00 -4.19
CA CYS A 46 -17.06 20.26 -5.45
C CYS A 46 -15.69 19.77 -5.91
N ALA A 47 -14.67 20.60 -5.74
CA ALA A 47 -13.33 20.27 -6.18
C ALA A 47 -12.80 19.00 -5.51
N ALA A 48 -12.81 19.00 -4.18
CA ALA A 48 -12.33 17.87 -3.40
C ALA A 48 -13.10 16.59 -3.74
N ARG A 49 -14.41 16.74 -3.94
CA ARG A 49 -15.25 15.60 -4.27
C ARG A 49 -14.90 15.02 -5.64
N GLU A 50 -14.71 15.89 -6.63
CA GLU A 50 -14.32 15.46 -7.97
C GLU A 50 -12.97 14.76 -7.93
N ALA A 51 -12.05 15.31 -7.14
CA ALA A 51 -10.74 14.71 -6.97
C ALA A 51 -10.85 13.32 -6.37
N CYS A 52 -11.72 13.18 -5.36
CA CYS A 52 -11.97 11.90 -4.74
C CYS A 52 -12.56 10.92 -5.74
N GLY A 53 -13.37 11.44 -6.65
CA GLY A 53 -13.93 10.63 -7.71
C GLY A 53 -12.85 10.10 -8.62
N VAL A 54 -11.90 10.96 -8.94
CA VAL A 54 -10.74 10.56 -9.73
C VAL A 54 -9.95 9.48 -9.01
N VAL A 55 -9.83 9.63 -7.69
CA VAL A 55 -9.13 8.64 -6.87
C VAL A 55 -9.82 7.28 -6.93
N VAL A 56 -11.13 7.27 -6.73
CA VAL A 56 -11.92 6.05 -6.78
C VAL A 56 -11.79 5.37 -8.14
N ASP A 57 -11.91 6.18 -9.20
CA ASP A 57 -11.77 5.67 -10.56
C ASP A 57 -10.37 5.11 -10.80
N LEU A 58 -9.38 5.68 -10.11
CA LEU A 58 -8.01 5.22 -10.22
C LEU A 58 -7.82 3.87 -9.54
N ILE A 59 -8.43 3.71 -8.36
CA ILE A 59 -8.35 2.46 -7.63
C ILE A 59 -9.07 1.34 -8.38
N LYS A 60 -10.21 1.68 -8.97
CA LYS A 60 -10.99 0.71 -9.73
C LYS A 60 -10.26 0.24 -10.99
N ALA A 61 -9.31 1.04 -11.44
CA ALA A 61 -8.57 0.72 -12.67
C ALA A 61 -7.18 0.18 -12.36
N HIS A 62 -6.92 -0.05 -11.07
CA HIS A 62 -5.63 -0.55 -10.60
C HIS A 62 -4.47 0.36 -11.00
N LYS A 63 -4.78 1.62 -11.28
CA LYS A 63 -3.76 2.60 -11.66
C LYS A 63 -3.18 3.25 -10.42
N MET A 64 -3.86 3.10 -9.28
CA MET A 64 -3.36 3.58 -8.01
C MET A 64 -2.19 2.71 -7.55
N ALA A 65 -1.08 2.80 -8.29
CA ALA A 65 0.06 1.93 -8.07
C ALA A 65 0.86 2.32 -6.84
N GLY A 66 0.50 1.74 -5.69
CA GLY A 66 1.21 1.98 -4.45
C GLY A 66 1.19 3.43 -4.02
N ARG A 67 0.07 4.10 -4.27
CA ARG A 67 -0.08 5.50 -3.90
C ARG A 67 -1.19 5.68 -2.87
N GLY A 68 -1.14 6.81 -2.15
CA GLY A 68 -2.14 7.13 -1.16
C GLY A 68 -2.75 8.51 -1.41
N VAL A 69 -3.63 8.94 -0.51
CA VAL A 69 -4.28 10.24 -0.64
C VAL A 69 -3.96 11.10 0.57
N LEU A 70 -3.74 12.39 0.35
CA LEU A 70 -3.53 13.33 1.45
C LEU A 70 -4.53 14.47 1.41
N LEU A 71 -5.36 14.56 2.46
CA LEU A 71 -6.34 15.63 2.55
C LEU A 71 -5.81 16.77 3.41
N ALA A 72 -5.53 17.90 2.77
CA ALA A 72 -5.00 19.07 3.46
C ALA A 72 -6.06 20.16 3.59
N GLY A 73 -6.33 20.60 4.81
CA GLY A 73 -7.33 21.64 5.01
C GLY A 73 -7.60 22.00 6.45
N GLY A 74 -8.44 23.00 6.66
CA GLY A 74 -8.77 23.46 8.00
C GLY A 74 -9.71 22.53 8.75
N PRO A 75 -9.90 22.78 10.04
CA PRO A 75 -10.78 21.98 10.91
C PRO A 75 -12.24 22.05 10.49
N GLY A 76 -12.63 23.11 9.79
CA GLY A 76 -14.00 23.30 9.36
C GLY A 76 -14.37 22.47 8.15
N THR A 77 -13.36 22.10 7.36
CA THR A 77 -13.58 21.32 6.14
C THR A 77 -14.01 19.90 6.48
N GLY A 78 -14.34 19.12 5.46
CA GLY A 78 -14.82 17.77 5.68
C GLY A 78 -13.93 16.69 5.09
N LYS A 79 -12.80 16.44 5.73
CA LYS A 79 -11.86 15.43 5.26
C LYS A 79 -12.37 14.02 5.57
N THR A 80 -12.81 13.82 6.81
CA THR A 80 -13.32 12.53 7.26
C THR A 80 -14.51 12.08 6.42
N ALA A 81 -15.43 13.01 6.19
CA ALA A 81 -16.62 12.74 5.38
C ALA A 81 -16.22 12.35 3.96
N LEU A 82 -15.18 12.99 3.45
CA LEU A 82 -14.66 12.68 2.11
C LEU A 82 -14.08 11.26 2.07
N ALA A 83 -13.35 10.88 3.11
CA ALA A 83 -12.79 9.54 3.20
C ALA A 83 -13.90 8.50 3.25
N LEU A 84 -14.91 8.78 4.06
CA LEU A 84 -16.08 7.91 4.16
C LEU A 84 -16.76 7.74 2.79
N ALA A 85 -16.94 8.85 2.09
CA ALA A 85 -17.54 8.83 0.77
C ALA A 85 -16.70 8.04 -0.22
N ILE A 86 -15.38 8.12 -0.05
CA ILE A 86 -14.45 7.35 -0.86
C ILE A 86 -14.68 5.86 -0.64
N SER A 87 -14.81 5.48 0.64
CA SER A 87 -15.10 4.09 0.97
C SER A 87 -16.43 3.65 0.39
N GLN A 88 -17.40 4.56 0.38
CA GLN A 88 -18.73 4.26 -0.11
C GLN A 88 -18.76 4.09 -1.63
N GLU A 89 -17.91 4.83 -2.33
CA GLU A 89 -17.89 4.79 -3.79
C GLU A 89 -17.07 3.60 -4.31
N LEU A 90 -16.28 2.98 -3.43
CA LEU A 90 -15.45 1.84 -3.82
C LEU A 90 -16.27 0.55 -3.87
N GLY A 91 -17.55 0.64 -3.58
CA GLY A 91 -18.43 -0.51 -3.62
C GLY A 91 -19.40 -0.56 -2.45
N THR A 92 -19.86 -1.76 -2.12
CA THR A 92 -20.79 -1.95 -1.01
C THR A 92 -20.14 -2.71 0.13
N LYS A 93 -20.47 -2.31 1.36
CA LYS A 93 -19.89 -2.91 2.57
C LYS A 93 -18.36 -2.86 2.54
N ILE A 94 -17.83 -1.77 1.98
CA ILE A 94 -16.38 -1.58 1.92
C ILE A 94 -15.86 -1.06 3.24
N PRO A 95 -14.87 -1.77 3.82
CA PRO A 95 -14.26 -1.43 5.12
C PRO A 95 -13.78 0.01 5.22
N PHE A 96 -14.09 0.67 6.33
CA PHE A 96 -13.61 2.02 6.57
C PHE A 96 -13.15 2.18 8.00
N CYS A 97 -11.84 2.39 8.17
CA CYS A 97 -11.26 2.52 9.51
C CYS A 97 -10.66 3.91 9.71
N PRO A 98 -11.43 4.80 10.38
CA PRO A 98 -10.96 6.15 10.70
C PRO A 98 -10.26 6.21 12.06
N ILE A 99 -9.05 6.77 12.07
CA ILE A 99 -8.30 6.98 13.29
C ILE A 99 -7.66 8.36 13.29
N THR A 100 -6.96 8.69 14.36
CA THR A 100 -6.15 9.90 14.41
C THR A 100 -4.72 9.52 14.75
N GLY A 101 -3.78 10.39 14.40
CA GLY A 101 -2.37 10.11 14.66
C GLY A 101 -2.06 10.02 16.14
N SER A 102 -2.96 10.54 16.96
CA SER A 102 -2.76 10.56 18.41
C SER A 102 -3.09 9.22 19.04
N GLU A 103 -3.68 8.31 18.25
CA GLU A 103 -4.13 7.03 18.78
C GLU A 103 -3.00 5.99 18.85
N ILE A 104 -1.98 6.17 18.02
CA ILE A 104 -0.88 5.22 17.96
C ILE A 104 0.04 5.35 19.18
N TYR A 105 -0.09 6.46 19.91
CA TYR A 105 0.67 6.66 21.12
C TYR A 105 0.02 5.96 22.31
N SER A 106 0.08 4.63 22.32
CA SER A 106 -0.51 3.87 23.40
C SER A 106 0.48 3.68 24.54
N THR A 107 -0.03 3.41 25.74
CA THR A 107 0.81 3.26 26.91
C THR A 107 1.69 2.02 26.84
N GLU A 108 1.08 0.85 26.75
CA GLU A 108 1.82 -0.40 26.72
C GLU A 108 1.67 -1.13 25.38
N VAL A 109 1.42 -0.37 24.32
CA VAL A 109 1.37 -0.93 22.97
C VAL A 109 2.22 -0.10 22.01
N LYS A 110 3.07 -0.76 21.24
CA LYS A 110 3.90 -0.07 20.27
C LYS A 110 3.05 0.48 19.13
N LYS A 111 3.49 1.60 18.56
CA LYS A 111 2.71 2.34 17.56
C LYS A 111 2.31 1.49 16.35
N THR A 112 3.28 0.81 15.76
CA THR A 112 3.05 0.05 14.54
C THR A 112 2.19 -1.18 14.79
N GLU A 113 2.01 -1.56 16.06
CA GLU A 113 1.10 -2.64 16.41
C GLU A 113 -0.34 -2.13 16.42
N VAL A 114 -0.53 -0.90 16.86
CA VAL A 114 -1.83 -0.23 16.76
C VAL A 114 -2.17 -0.05 15.28
N LEU A 115 -1.18 0.40 14.51
CA LEU A 115 -1.32 0.53 13.07
C LEU A 115 -1.69 -0.80 12.43
N MET A 116 -1.05 -1.86 12.88
CA MET A 116 -1.31 -3.21 12.39
C MET A 116 -2.75 -3.63 12.68
N GLU A 117 -3.19 -3.38 13.90
CA GLU A 117 -4.57 -3.67 14.31
C GLU A 117 -5.57 -2.95 13.41
N ASN A 118 -5.36 -1.65 13.24
CA ASN A 118 -6.27 -0.85 12.41
C ASN A 118 -6.21 -1.27 10.93
N PHE A 119 -5.06 -1.76 10.49
CA PHE A 119 -4.95 -2.32 9.15
C PHE A 119 -5.80 -3.57 9.04
N ARG A 120 -5.83 -4.36 10.11
CA ARG A 120 -6.71 -5.52 10.17
C ARG A 120 -8.17 -5.07 10.15
N ARG A 121 -8.45 -3.91 10.74
CA ARG A 121 -9.78 -3.33 10.72
C ARG A 121 -10.13 -2.77 9.34
N ALA A 122 -9.11 -2.54 8.52
CA ALA A 122 -9.30 -1.91 7.22
C ALA A 122 -9.28 -2.92 6.08
N ILE A 123 -8.99 -4.18 6.40
CA ILE A 123 -9.03 -5.24 5.41
C ILE A 123 -10.22 -6.15 5.65
N GLY A 124 -11.22 -6.09 4.77
CA GLY A 124 -12.43 -6.85 4.96
C GLY A 124 -12.44 -8.21 4.29
N LEU A 125 -13.48 -8.99 4.56
CA LEU A 125 -13.63 -10.31 3.96
C LEU A 125 -15.08 -10.58 3.60
N ARG A 126 -15.36 -10.69 2.31
CA ARG A 126 -16.71 -10.96 1.84
C ARG A 126 -16.93 -12.45 1.61
N VAL A 127 -17.89 -13.02 2.33
CA VAL A 127 -18.18 -14.45 2.21
C VAL A 127 -19.57 -14.68 1.63
N ARG A 128 -19.60 -15.32 0.45
CA ARG A 128 -20.84 -15.67 -0.24
C ARG A 128 -20.78 -17.13 -0.68
N GLU A 129 -21.30 -18.03 0.15
CA GLU A 129 -21.20 -19.47 -0.14
C GLU A 129 -22.52 -20.19 0.03
N THR A 130 -23.08 -20.68 -1.08
CA THR A 130 -24.28 -21.50 -1.03
C THR A 130 -23.92 -22.93 -0.61
N LYS A 131 -23.97 -23.18 0.69
CA LYS A 131 -23.60 -24.49 1.22
C LYS A 131 -24.79 -25.42 1.33
N ASP A 132 -24.71 -26.56 0.65
CA ASP A 132 -25.78 -27.55 0.66
C ASP A 132 -25.26 -28.89 1.21
N VAL A 133 -25.89 -29.37 2.28
CA VAL A 133 -25.48 -30.60 2.92
C VAL A 133 -26.65 -31.35 3.56
N TYR A 134 -26.76 -32.63 3.23
CA TYR A 134 -27.79 -33.48 3.84
C TYR A 134 -27.17 -34.33 4.94
N GLU A 135 -27.58 -34.08 6.19
CA GLU A 135 -27.01 -34.76 7.33
C GLU A 135 -28.04 -35.61 8.07
N GLY A 136 -27.56 -36.50 8.93
CA GLY A 136 -28.44 -37.37 9.70
C GLY A 136 -27.81 -38.72 9.97
N GLU A 137 -28.58 -39.61 10.60
CA GLU A 137 -28.13 -40.97 10.86
C GLU A 137 -28.51 -41.88 9.69
N VAL A 138 -27.54 -42.65 9.20
CA VAL A 138 -27.78 -43.56 8.08
C VAL A 138 -28.75 -44.67 8.48
N THR A 139 -29.64 -45.04 7.57
CA THR A 139 -30.62 -46.09 7.84
C THR A 139 -30.65 -47.13 6.71
N GLU A 140 -30.07 -46.78 5.57
CA GLU A 140 -30.03 -47.70 4.43
C GLU A 140 -28.66 -47.70 3.76
N ILE A 162 -29.13 -45.01 0.09
CA ILE A 162 -28.73 -44.52 1.41
C ILE A 162 -29.65 -43.39 1.86
N GLY A 163 -30.27 -43.57 3.03
CA GLY A 163 -31.17 -42.57 3.59
C GLY A 163 -30.66 -41.98 4.89
N LEU A 164 -31.33 -40.93 5.35
CA LEU A 164 -30.94 -40.24 6.58
C LEU A 164 -32.14 -39.87 7.44
N LYS A 165 -31.90 -39.67 8.72
CA LYS A 165 -32.95 -39.30 9.67
C LYS A 165 -32.48 -38.20 10.62
N SER A 166 -33.37 -37.24 10.89
CA SER A 166 -33.08 -36.19 11.84
C SER A 166 -33.94 -36.36 13.08
N ALA A 167 -34.02 -35.32 13.90
CA ALA A 167 -34.86 -35.34 15.10
C ALA A 167 -36.32 -35.56 14.70
N ARG A 168 -36.80 -34.75 13.77
CA ARG A 168 -38.12 -34.91 13.21
C ARG A 168 -38.07 -34.74 11.70
N GLY A 169 -37.98 -35.88 11.00
CA GLY A 169 -37.88 -35.86 9.55
C GLY A 169 -36.89 -36.91 9.06
N GLN A 170 -37.24 -37.55 7.94
CA GLN A 170 -36.38 -38.55 7.34
C GLN A 170 -36.45 -38.46 5.82
N LYS A 171 -35.33 -38.72 5.15
CA LYS A 171 -35.29 -38.68 3.70
C LYS A 171 -34.56 -39.89 3.13
N LYS A 172 -34.86 -40.22 1.87
CA LYS A 172 -34.19 -41.32 1.19
C LYS A 172 -33.49 -40.80 -0.06
N LEU A 173 -32.18 -40.63 0.03
CA LEU A 173 -31.41 -40.11 -1.10
C LEU A 173 -31.02 -41.21 -2.07
N ARG A 174 -31.09 -40.89 -3.36
CA ARG A 174 -30.73 -41.84 -4.41
C ARG A 174 -29.31 -41.58 -4.89
N LEU A 175 -28.36 -42.34 -4.34
CA LEU A 175 -26.94 -42.12 -4.61
C LEU A 175 -26.45 -42.86 -5.85
N ASP A 176 -25.66 -42.15 -6.65
CA ASP A 176 -24.94 -42.77 -7.75
C ASP A 176 -23.76 -43.55 -7.20
N PRO A 177 -23.29 -44.57 -7.94
CA PRO A 177 -22.14 -45.37 -7.51
C PRO A 177 -20.89 -44.53 -7.22
N SER A 178 -20.77 -43.35 -7.84
CA SER A 178 -19.61 -42.47 -7.62
C SER A 178 -19.53 -41.99 -6.18
N ILE A 179 -20.60 -41.35 -5.72
CA ILE A 179 -20.66 -40.87 -4.34
C ILE A 179 -20.52 -42.03 -3.37
N TYR A 180 -21.03 -43.19 -3.73
CA TYR A 180 -20.95 -44.38 -2.89
C TYR A 180 -19.53 -44.92 -2.81
N GLU A 181 -18.75 -44.73 -3.86
CA GLU A 181 -17.34 -45.11 -3.87
C GLU A 181 -16.51 -44.04 -3.17
N ALA A 182 -17.07 -42.84 -3.06
CA ALA A 182 -16.44 -41.78 -2.28
C ALA A 182 -16.83 -41.90 -0.81
N ILE A 183 -17.83 -42.73 -0.55
CA ILE A 183 -18.29 -43.02 0.80
C ILE A 183 -17.48 -44.19 1.37
N GLN A 184 -17.04 -45.05 0.47
CA GLN A 184 -16.18 -46.19 0.81
C GLN A 184 -14.92 -45.74 1.55
N LYS A 185 -14.51 -44.49 1.34
CA LYS A 185 -13.31 -43.94 1.95
C LYS A 185 -13.53 -43.57 3.42
N GLU A 186 -14.60 -42.83 3.70
CA GLU A 186 -14.88 -42.38 5.06
C GLU A 186 -15.40 -43.49 5.95
N ARG A 187 -15.40 -43.25 7.26
CA ARG A 187 -15.89 -44.23 8.23
C ARG A 187 -17.40 -44.27 8.26
N VAL A 188 -18.00 -44.77 7.17
CA VAL A 188 -19.45 -44.76 7.02
C VAL A 188 -20.05 -46.16 7.12
N GLN A 189 -21.04 -46.30 8.00
CA GLN A 189 -21.78 -47.55 8.14
C GLN A 189 -23.15 -47.25 8.73
N VAL A 190 -24.11 -48.15 8.49
CA VAL A 190 -25.45 -47.99 9.03
C VAL A 190 -25.50 -48.46 10.48
N GLY A 191 -25.81 -47.53 11.40
CA GLY A 191 -26.11 -46.16 11.03
C GLY A 191 -25.34 -45.14 11.84
N ASP A 192 -24.41 -44.47 11.18
CA ASP A 192 -23.62 -43.41 11.82
C ASP A 192 -24.13 -42.03 11.40
N VAL A 193 -23.63 -40.99 12.04
CA VAL A 193 -23.95 -39.62 11.65
C VAL A 193 -22.94 -39.15 10.60
N ILE A 194 -23.44 -38.60 9.50
CA ILE A 194 -22.58 -38.25 8.38
C ILE A 194 -22.82 -36.84 7.84
N TYR A 195 -22.02 -36.47 6.85
CA TYR A 195 -22.09 -35.17 6.19
C TYR A 195 -21.86 -35.32 4.70
N ILE A 196 -22.51 -34.48 3.89
CA ILE A 196 -22.41 -34.60 2.44
C ILE A 196 -22.17 -33.26 1.75
N GLU A 197 -21.09 -33.17 0.98
CA GLU A 197 -20.81 -31.97 0.19
C GLU A 197 -21.34 -32.12 -1.23
N THR A 198 -22.18 -31.17 -1.64
CA THR A 198 -22.85 -31.23 -2.94
C THR A 198 -22.02 -30.60 -4.06
N ASN A 199 -21.85 -29.27 -3.98
CA ASN A 199 -21.14 -28.53 -5.02
C ASN A 199 -19.69 -28.97 -5.20
N THR A 200 -19.08 -29.42 -4.11
CA THR A 200 -17.70 -29.89 -4.13
C THR A 200 -17.62 -31.38 -3.81
N GLY A 207 -18.48 -43.05 13.38
CA GLY A 207 -19.10 -42.03 14.22
C GLY A 207 -20.49 -42.44 14.68
N ARG A 208 -20.54 -43.28 15.71
CA ARG A 208 -21.80 -43.81 16.24
C ARG A 208 -22.77 -42.70 16.64
N SER A 209 -24.07 -42.97 16.49
CA SER A 209 -25.10 -42.02 16.86
C SER A 209 -25.44 -42.12 18.34
N ASP A 210 -26.05 -41.08 18.88
CA ASP A 210 -26.39 -41.01 20.30
C ASP A 210 -27.48 -42.00 20.68
N ALA A 211 -28.27 -42.42 19.70
CA ALA A 211 -29.41 -43.29 19.95
C ALA A 211 -29.00 -44.68 20.43
N TYR A 212 -27.74 -45.03 20.19
CA TYR A 212 -27.24 -46.36 20.54
C TYR A 212 -26.28 -46.31 21.73
N ALA A 213 -26.18 -45.15 22.35
CA ALA A 213 -25.28 -44.96 23.49
C ALA A 213 -25.88 -45.54 24.77
N THR A 214 -25.13 -46.41 25.43
CA THR A 214 -25.57 -47.01 26.68
C THR A 214 -25.03 -46.20 27.86
N GLU A 215 -25.57 -46.47 29.04
CA GLU A 215 -25.14 -45.79 30.26
C GLU A 215 -23.80 -46.31 30.74
N PHE A 216 -23.44 -47.50 30.26
CA PHE A 216 -22.22 -48.17 30.71
C PHE A 216 -20.98 -47.77 29.92
N ASP A 217 -21.12 -46.80 29.01
CA ASP A 217 -20.03 -46.47 28.11
C ASP A 217 -19.23 -45.25 28.59
N LEU A 218 -19.94 -44.22 29.05
CA LEU A 218 -19.32 -43.00 29.57
C LEU A 218 -18.43 -42.31 28.53
N GLU A 219 -17.18 -42.07 28.92
CA GLU A 219 -16.21 -41.44 28.03
C GLU A 219 -14.81 -42.01 28.31
N ALA A 220 -13.94 -42.08 27.29
CA ALA A 220 -14.18 -41.53 25.96
C ALA A 220 -15.15 -42.37 25.13
N GLU A 221 -15.95 -41.68 24.33
CA GLU A 221 -16.99 -42.33 23.53
C GLU A 221 -16.90 -41.92 22.06
N GLU A 222 -17.53 -42.72 21.21
CA GLU A 222 -17.63 -42.41 19.78
C GLU A 222 -19.05 -41.96 19.46
N TYR A 223 -19.88 -41.85 20.50
CA TYR A 223 -21.27 -41.47 20.33
C TYR A 223 -21.45 -39.96 20.23
N VAL A 224 -22.15 -39.53 19.19
CA VAL A 224 -22.45 -38.11 18.98
C VAL A 224 -23.88 -37.95 18.52
N PRO A 225 -24.56 -36.89 19.00
CA PRO A 225 -26.00 -36.66 18.76
C PRO A 225 -26.40 -36.65 17.28
N ILE A 226 -27.61 -37.13 17.02
CA ILE A 226 -28.19 -37.11 15.68
C ILE A 226 -28.49 -35.68 15.27
N PRO A 227 -28.13 -35.31 14.03
CA PRO A 227 -28.43 -33.97 13.50
C PRO A 227 -29.88 -33.57 13.67
N LYS A 228 -30.10 -32.44 14.35
CA LYS A 228 -31.45 -32.01 14.71
C LYS A 228 -31.66 -30.53 14.38
N GLY A 229 -32.85 -30.19 13.90
CA GLY A 229 -33.91 -31.16 13.68
C GLY A 229 -34.36 -31.23 12.23
N GLU A 230 -33.43 -30.93 11.32
CA GLU A 230 -33.73 -30.96 9.90
C GLU A 230 -32.89 -32.00 9.18
N VAL A 231 -33.56 -32.89 8.45
CA VAL A 231 -32.87 -33.95 7.72
C VAL A 231 -32.02 -33.34 6.60
N HIS A 232 -32.45 -32.20 6.08
CA HIS A 232 -31.70 -31.47 5.07
C HIS A 232 -31.17 -30.16 5.63
N LYS A 233 -30.02 -29.72 5.12
CA LYS A 233 -29.45 -28.45 5.56
C LYS A 233 -28.82 -27.71 4.38
N LYS A 234 -29.61 -26.86 3.74
CA LYS A 234 -29.12 -26.05 2.63
C LYS A 234 -29.23 -24.57 2.96
N LYS A 235 -28.12 -23.97 3.34
CA LYS A 235 -28.11 -22.56 3.74
C LYS A 235 -27.14 -21.74 2.89
N GLU A 236 -27.41 -20.44 2.77
CA GLU A 236 -26.51 -19.55 2.05
C GLU A 236 -25.78 -18.64 3.03
N ILE A 237 -24.47 -18.85 3.14
CA ILE A 237 -23.63 -18.06 4.02
C ILE A 237 -23.30 -16.73 3.38
N VAL A 238 -23.84 -15.66 3.96
CA VAL A 238 -23.58 -14.31 3.47
C VAL A 238 -23.09 -13.43 4.61
N GLN A 239 -21.86 -12.94 4.50
CA GLN A 239 -21.29 -12.12 5.57
C GLN A 239 -20.16 -11.21 5.08
N ASP A 240 -19.88 -10.17 5.85
CA ASP A 240 -18.77 -9.26 5.56
C ASP A 240 -18.10 -8.84 6.87
N VAL A 241 -16.91 -9.40 7.12
CA VAL A 241 -16.22 -9.15 8.37
C VAL A 241 -14.74 -8.82 8.15
N THR A 242 -14.22 -7.91 8.97
CA THR A 242 -12.82 -7.53 8.89
C THR A 242 -11.93 -8.59 9.52
N LEU A 243 -10.63 -8.49 9.28
CA LEU A 243 -9.67 -9.42 9.87
C LEU A 243 -9.66 -9.28 11.38
N HIS A 244 -9.89 -8.05 11.85
CA HIS A 244 -9.91 -7.77 13.28
C HIS A 244 -11.11 -8.44 13.95
N ASP A 245 -12.21 -8.53 13.22
CA ASP A 245 -13.40 -9.22 13.71
C ASP A 245 -13.09 -10.70 13.94
N LEU A 246 -12.35 -11.29 13.00
CA LEU A 246 -11.91 -12.68 13.13
C LEU A 246 -10.93 -12.82 14.28
N ASP A 247 -10.12 -11.78 14.49
CA ASP A 247 -9.14 -11.78 15.57
C ASP A 247 -9.82 -11.82 16.94
N VAL A 248 -10.80 -10.94 17.13
CA VAL A 248 -11.49 -10.85 18.42
C VAL A 248 -12.48 -11.99 18.61
N ALA A 249 -12.94 -12.57 17.51
CA ALA A 249 -13.86 -13.70 17.59
C ALA A 249 -13.14 -14.95 18.07
N ASN A 250 -11.87 -15.05 17.72
CA ASN A 250 -11.05 -16.19 18.15
C ASN A 250 -10.11 -15.82 19.29
N ALA A 251 -10.50 -14.81 20.06
CA ALA A 251 -9.71 -14.38 21.21
C ALA A 251 -10.30 -14.91 22.50
N ARG A 252 -11.41 -15.64 22.38
CA ARG A 252 -12.06 -16.24 23.53
C ARG A 252 -12.15 -17.76 23.41
N PRO A 253 -11.98 -18.47 24.53
CA PRO A 253 -12.07 -19.93 24.57
C PRO A 253 -13.47 -20.43 24.95
N GLN A 257 -17.56 -15.67 27.09
CA GLN A 257 -18.40 -14.53 26.72
C GLN A 257 -17.56 -13.46 26.02
N ASP A 258 -18.20 -12.66 25.17
CA ASP A 258 -17.53 -11.61 24.43
C ASP A 258 -17.22 -10.42 25.33
N ILE A 259 -16.09 -10.48 26.02
CA ILE A 259 -15.69 -9.45 26.99
C ILE A 259 -14.94 -8.30 26.32
N ILE A 260 -14.05 -8.64 25.39
CA ILE A 260 -13.25 -7.65 24.68
C ILE A 260 -14.13 -6.61 23.99
N SER A 261 -15.28 -7.02 23.48
CA SER A 261 -16.23 -6.09 22.87
C SER A 261 -17.12 -5.46 23.94
N MET A 262 -17.28 -6.16 25.06
CA MET A 262 -18.11 -5.67 26.17
C MET A 262 -17.39 -4.55 26.91
N MET A 263 -16.23 -4.88 27.48
CA MET A 263 -15.41 -3.92 28.20
C MET A 263 -13.98 -3.96 27.68
N GLY A 264 -13.75 -3.31 26.55
CA GLY A 264 -12.49 -3.39 25.84
C GLY A 264 -11.26 -3.00 26.64
N GLN A 265 -11.12 -1.70 26.90
CA GLN A 265 -9.95 -1.18 27.59
C GLN A 265 -10.06 -1.38 29.10
N LEU A 266 -11.29 -1.59 29.57
CA LEU A 266 -11.59 -1.60 30.99
C LEU A 266 -11.44 -2.97 31.65
N MET A 267 -11.09 -3.99 30.86
CA MET A 267 -10.96 -5.34 31.40
C MET A 267 -9.60 -5.57 32.06
N LYS A 268 -8.55 -5.09 31.41
CA LYS A 268 -7.18 -5.24 31.93
C LYS A 268 -6.25 -4.25 31.22
N PRO A 269 -5.19 -3.83 31.90
CA PRO A 269 -4.22 -2.86 31.36
C PRO A 269 -3.68 -3.25 29.98
N LYS A 270 -3.13 -4.45 29.86
CA LYS A 270 -2.57 -4.90 28.59
C LYS A 270 -3.49 -5.92 27.90
N MET A 271 -3.84 -5.63 26.64
CA MET A 271 -4.67 -6.53 25.86
C MET A 271 -3.87 -7.74 25.38
N THR A 272 -3.75 -8.74 26.26
CA THR A 272 -2.88 -9.89 26.00
C THR A 272 -3.61 -11.06 25.35
N GLU A 273 -4.72 -10.78 24.66
CA GLU A 273 -5.51 -11.85 24.06
C GLU A 273 -5.20 -12.05 22.58
N ILE A 274 -5.03 -10.95 21.85
CA ILE A 274 -4.71 -11.03 20.44
C ILE A 274 -3.22 -11.23 20.22
N THR A 275 -2.83 -12.45 19.83
CA THR A 275 -1.42 -12.79 19.69
C THR A 275 -0.98 -12.89 18.24
N ASP A 276 0.30 -13.13 18.04
CA ASP A 276 0.85 -13.30 16.69
C ASP A 276 0.40 -14.63 16.09
N LYS A 277 0.52 -15.69 16.87
CA LYS A 277 0.10 -17.03 16.42
C LYS A 277 -1.37 -17.01 16.04
N LEU A 278 -2.17 -16.28 16.81
CA LEU A 278 -3.58 -16.13 16.55
C LEU A 278 -3.80 -15.52 15.16
N ARG A 279 -3.16 -14.38 14.91
CA ARG A 279 -3.32 -13.67 13.64
C ARG A 279 -2.81 -14.46 12.45
N MET A 280 -1.74 -15.23 12.66
CA MET A 280 -1.18 -16.03 11.58
C MET A 280 -2.09 -17.21 11.25
N GLU A 281 -2.68 -17.81 12.28
CA GLU A 281 -3.67 -18.85 12.09
C GLU A 281 -4.88 -18.30 11.35
N ILE A 282 -5.30 -17.09 11.74
CA ILE A 282 -6.41 -16.42 11.10
C ILE A 282 -6.13 -16.19 9.62
N ASN A 283 -4.93 -15.69 9.31
CA ASN A 283 -4.54 -15.45 7.92
C ASN A 283 -4.48 -16.74 7.11
N LYS A 284 -3.96 -17.79 7.73
CA LYS A 284 -3.90 -19.10 7.09
C LYS A 284 -5.30 -19.58 6.73
N VAL A 285 -6.21 -19.49 7.70
CA VAL A 285 -7.61 -19.85 7.50
C VAL A 285 -8.25 -19.02 6.38
N VAL A 286 -7.98 -17.72 6.39
CA VAL A 286 -8.52 -16.81 5.39
C VAL A 286 -8.07 -17.19 3.99
N GLN A 287 -6.77 -17.39 3.81
CA GLN A 287 -6.23 -17.78 2.52
C GLN A 287 -6.80 -19.12 2.09
N LYS A 288 -7.05 -19.99 3.05
CA LYS A 288 -7.68 -21.28 2.76
C LYS A 288 -9.09 -21.07 2.21
N TYR A 289 -9.84 -20.15 2.82
CA TYR A 289 -11.17 -19.81 2.34
C TYR A 289 -11.14 -19.23 0.93
N ILE A 290 -10.14 -18.40 0.67
CA ILE A 290 -9.98 -17.77 -0.65
C ILE A 290 -9.65 -18.80 -1.73
N ASN A 291 -8.78 -19.74 -1.40
CA ASN A 291 -8.35 -20.77 -2.34
C ASN A 291 -9.51 -21.59 -2.88
N GLN A 292 -10.52 -21.81 -2.06
CA GLN A 292 -11.68 -22.59 -2.46
C GLN A 292 -12.69 -21.75 -3.23
N GLY A 293 -12.38 -20.48 -3.41
CA GLY A 293 -13.26 -19.57 -4.12
C GLY A 293 -14.53 -19.28 -3.33
N VAL A 294 -14.44 -19.45 -2.02
CA VAL A 294 -15.58 -19.22 -1.12
C VAL A 294 -15.70 -17.76 -0.75
N ALA A 295 -14.58 -17.16 -0.34
CA ALA A 295 -14.58 -15.78 0.10
C ALA A 295 -13.58 -14.93 -0.67
N GLU A 296 -13.84 -13.63 -0.71
CA GLU A 296 -12.94 -12.67 -1.35
C GLU A 296 -12.64 -11.55 -0.37
N LEU A 297 -11.37 -11.38 0.00
CA LEU A 297 -11.01 -10.28 0.88
C LEU A 297 -11.02 -8.98 0.09
N ILE A 298 -11.55 -7.93 0.71
CA ILE A 298 -11.64 -6.62 0.06
C ILE A 298 -10.94 -5.56 0.90
N PRO A 299 -9.83 -5.03 0.38
CA PRO A 299 -9.10 -3.93 1.03
C PRO A 299 -9.94 -2.65 1.05
N GLY A 300 -10.20 -2.14 2.25
CA GLY A 300 -11.04 -0.98 2.42
C GLY A 300 -10.28 0.33 2.42
N VAL A 301 -10.68 1.24 3.30
CA VAL A 301 -10.06 2.55 3.38
C VAL A 301 -9.55 2.84 4.80
N LEU A 302 -8.24 3.04 4.92
CA LEU A 302 -7.65 3.39 6.20
C LEU A 302 -7.42 4.90 6.27
N PHE A 303 -8.23 5.59 7.07
CA PHE A 303 -8.13 7.04 7.18
C PHE A 303 -7.36 7.43 8.44
N ILE A 304 -6.34 8.25 8.28
CA ILE A 304 -5.52 8.68 9.40
C ILE A 304 -5.49 10.21 9.54
N ASP A 305 -6.21 10.72 10.53
CA ASP A 305 -6.19 12.15 10.81
C ASP A 305 -4.95 12.49 11.63
N GLU A 306 -4.57 13.77 11.63
CA GLU A 306 -3.38 14.23 12.32
C GLU A 306 -2.15 13.44 11.90
N ALA A 307 -1.89 13.40 10.59
CA ALA A 307 -0.80 12.62 10.04
C ALA A 307 0.56 13.13 10.51
N HIS A 308 0.62 14.40 10.88
CA HIS A 308 1.86 15.02 11.34
C HIS A 308 2.29 14.45 12.69
N MET A 309 1.39 13.74 13.35
CA MET A 309 1.65 13.16 14.65
C MET A 309 2.44 11.85 14.54
N LEU A 310 2.48 11.28 13.34
CA LEU A 310 3.21 10.05 13.11
C LEU A 310 4.70 10.33 12.96
N ASP A 311 5.53 9.40 13.42
CA ASP A 311 6.98 9.54 13.29
C ASP A 311 7.50 8.70 12.12
N ILE A 312 8.81 8.75 11.90
CA ILE A 312 9.43 8.15 10.73
C ILE A 312 9.16 6.64 10.63
N GLU A 313 9.25 5.94 11.74
CA GLU A 313 9.04 4.49 11.78
C GLU A 313 7.65 4.10 11.30
N CYS A 314 6.65 4.87 11.73
CA CYS A 314 5.27 4.67 11.29
C CYS A 314 5.15 4.80 9.78
N PHE A 315 5.83 5.81 9.23
CA PHE A 315 5.81 6.03 7.79
C PHE A 315 6.59 4.95 7.04
N THR A 316 7.53 4.33 7.73
CA THR A 316 8.24 3.19 7.16
C THR A 316 7.28 2.02 7.04
N TYR A 317 6.51 1.79 8.10
CA TYR A 317 5.50 0.74 8.09
C TYR A 317 4.45 0.99 7.00
N LEU A 318 3.98 2.23 6.90
CA LEU A 318 2.99 2.60 5.89
C LEU A 318 3.57 2.44 4.49
N ASN A 319 4.84 2.78 4.32
CA ASN A 319 5.52 2.61 3.05
C ASN A 319 5.59 1.15 2.66
N LYS A 320 5.81 0.30 3.66
CA LYS A 320 5.80 -1.14 3.46
C LYS A 320 4.40 -1.63 3.09
N ALA A 321 3.38 -0.95 3.62
CA ALA A 321 2.00 -1.32 3.37
C ALA A 321 1.55 -0.94 1.96
N LEU A 322 2.04 0.20 1.47
CA LEU A 322 1.64 0.69 0.15
C LEU A 322 2.03 -0.24 -0.99
N GLU A 323 3.07 -1.04 -0.78
CA GLU A 323 3.54 -1.97 -1.80
C GLU A 323 2.67 -3.23 -1.86
N SER A 324 2.00 -3.54 -0.76
CA SER A 324 1.13 -4.71 -0.70
C SER A 324 -0.08 -4.53 -1.63
N PRO A 325 -0.31 -5.52 -2.50
CA PRO A 325 -1.45 -5.48 -3.43
C PRO A 325 -2.77 -5.67 -2.71
N ILE A 326 -2.76 -6.44 -1.62
CA ILE A 326 -3.96 -6.68 -0.84
C ILE A 326 -3.96 -5.79 0.40
N ALA A 327 -3.66 -4.51 0.20
CA ALA A 327 -3.64 -3.52 1.27
C ALA A 327 -4.73 -2.48 1.04
N PRO A 328 -5.33 -1.98 2.13
CA PRO A 328 -6.36 -0.93 2.00
C PRO A 328 -5.76 0.39 1.55
N ILE A 329 -6.54 1.19 0.83
CA ILE A 329 -6.07 2.49 0.39
C ILE A 329 -5.85 3.40 1.61
N VAL A 330 -4.71 4.07 1.65
CA VAL A 330 -4.36 4.88 2.81
C VAL A 330 -4.62 6.35 2.55
N VAL A 331 -5.43 6.96 3.41
CA VAL A 331 -5.80 8.35 3.28
C VAL A 331 -5.42 9.15 4.51
N LEU A 332 -4.32 9.87 4.43
CA LEU A 332 -3.87 10.75 5.51
C LEU A 332 -4.60 12.09 5.47
N ALA A 333 -4.57 12.81 6.58
CA ALA A 333 -5.20 14.12 6.65
C ALA A 333 -4.40 15.06 7.54
N SER A 334 -4.48 16.37 7.25
CA SER A 334 -3.74 17.34 8.05
C SER A 334 -4.32 18.75 7.98
N ASN A 335 -4.20 19.44 9.11
CA ASN A 335 -4.61 20.84 9.21
C ASN A 335 -3.42 21.73 9.55
N ARG A 336 -2.22 21.22 9.27
CA ARG A 336 -0.99 21.96 9.50
C ARG A 336 -0.21 22.11 8.20
N GLY A 337 0.16 23.34 7.87
CA GLY A 337 0.94 23.61 6.67
C GLY A 337 2.30 22.95 6.76
N ILE A 338 3.16 23.49 7.62
CA ILE A 338 4.49 22.95 7.82
C ILE A 338 4.68 22.50 9.27
N ALA A 339 5.15 21.26 9.45
CA ALA A 339 5.38 20.72 10.78
C ALA A 339 6.70 19.96 10.83
N THR A 340 7.29 19.89 12.03
CA THR A 340 8.53 19.15 12.21
C THR A 340 8.29 17.65 12.05
N ILE A 341 9.11 17.01 11.23
CA ILE A 341 9.02 15.55 11.06
C ILE A 341 9.46 14.85 12.33
N ARG A 342 8.52 14.18 12.98
CA ARG A 342 8.81 13.47 14.23
C ARG A 342 9.75 12.30 13.96
N GLY A 343 10.82 12.23 14.73
CA GLY A 343 11.83 11.21 14.54
C GLY A 343 13.01 11.75 13.74
N ALA A 344 12.96 13.03 13.42
CA ALA A 344 14.03 13.69 12.68
C ALA A 344 14.47 14.98 13.39
N ASP A 345 15.73 15.35 13.20
CA ASP A 345 16.31 16.51 13.87
C ASP A 345 15.71 17.82 13.39
N ASP A 346 14.54 18.15 13.92
CA ASP A 346 13.83 19.38 13.58
C ASP A 346 13.67 19.56 12.07
N LEU A 347 13.51 18.44 11.37
CA LEU A 347 13.38 18.46 9.92
C LEU A 347 11.98 18.89 9.53
N LYS A 348 11.72 20.19 9.55
CA LYS A 348 10.41 20.72 9.18
C LYS A 348 10.07 20.35 7.74
N ALA A 349 8.80 20.04 7.49
CA ALA A 349 8.36 19.65 6.15
C ALA A 349 6.86 19.84 5.97
N ALA A 350 6.38 19.53 4.77
CA ALA A 350 4.97 19.72 4.42
C ALA A 350 4.06 18.80 5.22
N HIS A 351 3.21 19.41 6.04
CA HIS A 351 2.19 18.70 6.81
C HIS A 351 2.78 17.65 7.77
N GLY A 352 4.06 17.78 8.08
CA GLY A 352 4.73 16.84 8.95
C GLY A 352 4.90 15.47 8.29
N ILE A 353 4.96 15.47 6.96
CA ILE A 353 5.12 14.24 6.20
C ILE A 353 6.51 14.18 5.58
N PRO A 354 7.21 13.06 5.79
CA PRO A 354 8.53 12.82 5.18
C PRO A 354 8.45 12.87 3.66
N PRO A 355 9.53 13.32 3.00
CA PRO A 355 9.54 13.42 1.53
C PRO A 355 9.36 12.08 0.84
N ASP A 356 10.05 11.06 1.35
CA ASP A 356 10.03 9.71 0.78
C ASP A 356 8.63 9.12 0.73
N PHE A 357 7.77 9.55 1.66
CA PHE A 357 6.40 9.06 1.70
C PHE A 357 5.42 10.04 1.09
N LEU A 358 5.73 11.33 1.18
CA LEU A 358 4.89 12.37 0.57
C LEU A 358 4.91 12.23 -0.95
N GLN A 359 6.00 11.67 -1.46
CA GLN A 359 6.14 11.40 -2.89
C GLN A 359 4.98 10.57 -3.44
N ARG A 360 4.53 9.59 -2.67
CA ARG A 360 3.53 8.63 -3.13
C ARG A 360 2.10 9.06 -2.83
N LEU A 361 1.90 10.35 -2.56
CA LEU A 361 0.57 10.83 -2.17
C LEU A 361 -0.01 11.86 -3.15
N LEU A 362 -1.28 11.71 -3.45
CA LEU A 362 -2.01 12.69 -4.23
C LEU A 362 -2.72 13.65 -3.29
N ILE A 363 -2.23 14.89 -3.21
CA ILE A 363 -2.73 15.85 -2.24
C ILE A 363 -4.02 16.52 -2.73
N ILE A 364 -5.06 16.44 -1.91
CA ILE A 364 -6.35 17.04 -2.24
C ILE A 364 -6.74 18.11 -1.22
N PRO A 365 -6.85 19.36 -1.67
CA PRO A 365 -7.18 20.50 -0.81
C PRO A 365 -8.67 20.57 -0.47
N THR A 366 -8.98 20.90 0.78
CA THR A 366 -10.35 21.06 1.21
C THR A 366 -10.61 22.48 1.70
N HIS A 367 -11.64 23.11 1.14
CA HIS A 367 -11.89 24.53 1.37
C HIS A 367 -12.85 24.81 2.54
N PRO A 368 -12.74 26.01 3.14
CA PRO A 368 -13.72 26.48 4.12
C PRO A 368 -15.07 26.73 3.47
N TYR A 369 -16.09 27.03 4.27
CA TYR A 369 -17.44 27.13 3.73
C TYR A 369 -18.06 28.52 3.84
N GLU A 370 -18.77 28.92 2.78
CA GLU A 370 -19.56 30.14 2.80
C GLU A 370 -20.74 29.96 3.74
N PRO A 371 -21.22 31.05 4.36
CA PRO A 371 -22.34 31.03 5.32
C PRO A 371 -23.55 30.23 4.85
N ASP A 372 -23.88 30.32 3.56
CA ASP A 372 -25.03 29.61 3.02
C ASP A 372 -24.82 28.09 3.04
N GLU A 373 -23.61 27.67 2.70
CA GLU A 373 -23.25 26.25 2.75
C GLU A 373 -23.34 25.73 4.17
N ILE A 374 -22.93 26.56 5.13
CA ILE A 374 -23.00 26.22 6.54
C ILE A 374 -24.45 26.09 7.00
N ARG A 375 -25.30 27.01 6.56
CA ARG A 375 -26.72 26.94 6.87
C ARG A 375 -27.31 25.64 6.32
N ARG A 376 -26.94 25.30 5.10
CA ARG A 376 -27.42 24.07 4.45
C ARG A 376 -26.98 22.84 5.24
N ILE A 377 -25.69 22.78 5.58
CA ILE A 377 -25.15 21.65 6.34
C ILE A 377 -25.84 21.50 7.69
N VAL A 378 -26.02 22.63 8.38
CA VAL A 378 -26.71 22.62 9.67
C VAL A 378 -28.14 22.11 9.52
N ARG A 379 -28.81 22.54 8.45
CA ARG A 379 -30.16 22.08 8.18
C ARG A 379 -30.21 20.58 7.95
N ILE A 380 -29.21 20.05 7.23
CA ILE A 380 -29.13 18.62 6.97
C ILE A 380 -28.89 17.85 8.26
N ARG A 381 -28.02 18.37 9.11
CA ARG A 381 -27.71 17.74 10.39
C ARG A 381 -28.94 17.70 11.31
N ALA A 382 -29.54 18.86 11.53
CA ALA A 382 -30.69 18.98 12.43
C ALA A 382 -31.89 18.18 11.94
N GLN A 383 -31.93 17.89 10.65
CA GLN A 383 -33.00 17.07 10.08
C GLN A 383 -32.65 15.59 10.18
N THR A 384 -31.43 15.32 10.63
CA THR A 384 -30.94 13.95 10.78
C THR A 384 -30.88 13.55 12.25
N GLU A 385 -30.65 14.52 13.11
CA GLU A 385 -30.52 14.26 14.55
C GLU A 385 -31.73 13.53 15.19
N GLY A 386 -32.97 13.97 14.99
CA GLY A 386 -33.35 15.13 14.20
C GLY A 386 -34.14 16.14 15.02
N VAL A 387 -33.63 17.35 15.12
CA VAL A 387 -34.27 18.39 15.92
C VAL A 387 -34.91 19.46 15.03
N GLN A 388 -36.10 19.91 15.43
CA GLN A 388 -36.81 20.94 14.67
C GLN A 388 -36.45 22.33 15.17
N LEU A 389 -35.97 23.17 14.26
CA LEU A 389 -35.51 24.50 14.63
C LEU A 389 -35.90 25.54 13.58
N THR A 390 -36.03 26.79 14.02
CA THR A 390 -36.40 27.88 13.13
C THR A 390 -35.23 28.25 12.20
N ASP A 391 -35.54 28.97 11.14
CA ASP A 391 -34.52 29.43 10.19
C ASP A 391 -33.57 30.43 10.84
N ALA A 392 -34.12 31.25 11.75
CA ALA A 392 -33.32 32.22 12.47
C ALA A 392 -32.33 31.53 13.40
N ALA A 393 -32.76 30.42 13.99
CA ALA A 393 -31.88 29.58 14.81
C ALA A 393 -30.75 29.01 13.96
N VAL A 394 -31.11 28.59 12.74
CA VAL A 394 -30.13 28.09 11.79
C VAL A 394 -29.10 29.17 11.46
N ASP A 395 -29.56 30.42 11.32
CA ASP A 395 -28.67 31.55 11.09
C ASP A 395 -27.72 31.75 12.26
N ARG A 396 -28.29 31.76 13.47
CA ARG A 396 -27.51 31.97 14.68
C ARG A 396 -26.45 30.88 14.87
N VAL A 397 -26.78 29.66 14.46
CA VAL A 397 -25.82 28.56 14.51
C VAL A 397 -24.75 28.75 13.45
N ALA A 398 -25.17 29.18 12.26
CA ALA A 398 -24.28 29.35 11.13
C ALA A 398 -23.23 30.42 11.39
N GLU A 399 -23.60 31.47 12.12
CA GLU A 399 -22.65 32.52 12.43
C GLU A 399 -21.55 31.99 13.35
N HIS A 400 -21.90 31.00 14.17
CA HIS A 400 -20.93 30.31 14.99
C HIS A 400 -20.11 29.35 14.13
N GLY A 401 -20.74 28.88 13.05
CA GLY A 401 -20.05 28.03 12.09
C GLY A 401 -18.98 28.80 11.34
N VAL A 402 -19.19 30.09 11.17
CA VAL A 402 -18.21 30.95 10.53
C VAL A 402 -17.16 31.41 11.53
N ARG A 403 -17.62 31.93 12.66
CA ARG A 403 -16.73 32.40 13.72
C ARG A 403 -15.81 31.29 14.19
N ILE A 404 -16.36 30.37 14.96
CA ILE A 404 -15.63 29.18 15.40
C ILE A 404 -15.78 28.10 14.32
N SER A 405 -15.17 26.95 14.53
CA SER A 405 -15.24 25.85 13.57
C SER A 405 -16.67 25.35 13.37
N LEU A 406 -16.88 24.62 12.29
CA LEU A 406 -18.18 24.05 11.99
C LEU A 406 -18.60 23.04 13.05
N ARG A 407 -17.62 22.33 13.58
CA ARG A 407 -17.88 21.27 14.57
C ARG A 407 -18.57 21.79 15.82
N TYR A 408 -18.12 22.94 16.32
CA TYR A 408 -18.69 23.52 17.53
C TYR A 408 -20.17 23.89 17.33
N CYS A 409 -20.45 24.60 16.24
CA CYS A 409 -21.80 25.01 15.95
C CYS A 409 -22.69 23.79 15.74
N LEU A 410 -22.13 22.74 15.16
CA LEU A 410 -22.87 21.49 15.00
C LEU A 410 -23.11 20.82 16.35
N GLN A 411 -22.22 21.07 17.30
CA GLN A 411 -22.38 20.55 18.66
C GLN A 411 -23.52 21.28 19.38
N LEU A 412 -23.68 22.56 19.06
CA LEU A 412 -24.68 23.40 19.73
C LEU A 412 -26.13 22.92 19.58
N LEU A 413 -26.37 21.99 18.66
CA LEU A 413 -27.73 21.54 18.35
C LEU A 413 -28.45 20.89 19.53
N ALA A 414 -27.90 19.78 20.02
CA ALA A 414 -28.55 19.00 21.09
C ALA A 414 -28.82 19.79 22.38
N PRO A 415 -27.84 20.58 22.88
CA PRO A 415 -28.14 21.35 24.11
C PRO A 415 -29.31 22.31 23.93
N ALA A 416 -29.39 22.94 22.76
CA ALA A 416 -30.46 23.88 22.46
C ALA A 416 -31.80 23.15 22.41
N SER A 417 -31.79 21.95 21.85
CA SER A 417 -32.98 21.11 21.79
C SER A 417 -33.47 20.76 23.18
N ILE A 418 -32.53 20.39 24.06
CA ILE A 418 -32.86 20.06 25.44
C ILE A 418 -33.43 21.28 26.18
N LEU A 419 -32.76 22.42 26.03
CA LEU A 419 -33.21 23.66 26.67
C LEU A 419 -34.60 24.08 26.19
N ALA A 420 -34.87 23.87 24.91
CA ALA A 420 -36.18 24.20 24.35
C ALA A 420 -37.25 23.23 24.87
N ARG A 421 -36.92 21.95 24.89
CA ARG A 421 -37.85 20.92 25.36
C ARG A 421 -38.17 21.11 26.83
N VAL A 422 -37.23 21.71 27.56
CA VAL A 422 -37.45 22.07 28.96
C VAL A 422 -38.66 23.00 29.07
N ASN A 423 -38.72 23.99 28.19
CA ASN A 423 -39.89 24.87 28.10
C ASN A 423 -41.05 24.17 27.42
N GLY A 424 -40.79 23.00 26.86
CA GLY A 424 -41.80 22.25 26.12
C GLY A 424 -42.11 22.91 24.80
N ARG A 425 -41.18 23.72 24.31
CA ARG A 425 -41.36 24.42 23.04
C ARG A 425 -41.35 23.45 21.87
N THR A 426 -40.58 22.36 22.01
CA THR A 426 -40.46 21.32 20.98
C THR A 426 -39.97 21.86 19.64
N GLN A 427 -39.66 23.14 19.61
CA GLN A 427 -39.15 23.82 18.41
C GLN A 427 -38.06 24.79 18.84
N VAL A 428 -36.83 24.47 18.47
CA VAL A 428 -35.68 25.23 18.95
C VAL A 428 -35.63 26.62 18.33
N ASP A 429 -35.48 27.64 19.18
CA ASP A 429 -35.47 29.02 18.74
C ASP A 429 -34.11 29.68 18.97
N VAL A 430 -34.01 30.96 18.61
CA VAL A 430 -32.77 31.71 18.72
C VAL A 430 -32.29 31.84 20.16
N GLN A 431 -33.24 32.08 21.07
CA GLN A 431 -32.92 32.23 22.48
C GLN A 431 -32.25 30.96 23.03
N ASP A 432 -32.72 29.81 22.55
CA ASP A 432 -32.20 28.53 22.97
C ASP A 432 -30.75 28.34 22.53
N ILE A 433 -30.48 28.64 21.26
CA ILE A 433 -29.11 28.54 20.73
C ILE A 433 -28.20 29.54 21.44
N ALA A 434 -28.74 30.71 21.76
CA ALA A 434 -27.99 31.73 22.48
C ALA A 434 -27.55 31.22 23.85
N GLU A 435 -28.53 30.75 24.63
CA GLU A 435 -28.23 30.25 25.96
C GLU A 435 -27.28 29.05 25.89
N ALA A 436 -27.44 28.23 24.86
CA ALA A 436 -26.59 27.06 24.67
C ALA A 436 -25.14 27.47 24.37
N GLU A 437 -25.00 28.54 23.59
CA GLU A 437 -23.68 29.03 23.19
C GLU A 437 -23.02 29.76 24.35
N GLU A 438 -23.84 30.19 25.31
CA GLU A 438 -23.31 30.85 26.50
C GLU A 438 -23.03 29.85 27.62
N LEU A 439 -23.66 28.67 27.54
CA LEU A 439 -23.47 27.64 28.55
C LEU A 439 -22.34 26.70 28.18
N PHE A 440 -22.03 26.60 26.90
CA PHE A 440 -20.98 25.71 26.42
C PHE A 440 -20.08 26.42 25.42
N LEU A 441 -19.02 27.04 25.91
CA LEU A 441 -18.08 27.75 25.06
C LEU A 441 -17.20 26.79 24.27
N ASP A 442 -16.51 27.32 23.27
CA ASP A 442 -15.53 26.54 22.52
C ASP A 442 -14.18 26.54 23.24
N ALA A 443 -13.17 25.98 22.59
CA ALA A 443 -11.84 25.86 23.20
C ALA A 443 -11.19 27.23 23.39
N ARG A 444 -11.12 28.01 22.32
CA ARG A 444 -10.43 29.30 22.34
C ARG A 444 -11.09 30.29 23.29
N ARG A 445 -12.42 30.38 23.24
CA ARG A 445 -13.16 31.25 24.15
C ARG A 445 -12.85 30.91 25.60
N SER A 446 -12.97 29.62 25.93
CA SER A 446 -12.70 29.13 27.27
C SER A 446 -11.28 29.49 27.72
N ALA A 447 -10.32 29.24 26.84
CA ALA A 447 -8.91 29.50 27.14
C ALA A 447 -8.65 30.98 27.41
N ASN A 448 -9.07 31.85 26.50
CA ASN A 448 -8.80 33.28 26.62
C ASN A 448 -9.59 33.95 27.74
N ILE A 449 -10.78 33.44 28.03
CA ILE A 449 -11.56 33.93 29.17
C ILE A 449 -10.87 33.52 30.46
N LEU A 450 -10.36 32.29 30.48
CA LEU A 450 -9.66 31.77 31.65
C LEU A 450 -8.35 32.53 31.89
N THR A 451 -7.79 33.10 30.82
CA THR A 451 -6.55 33.87 30.92
C THR A 451 -6.79 35.15 31.72
N SER A 452 -8.05 35.58 31.79
CA SER A 452 -8.41 36.77 32.54
C SER A 452 -9.12 36.42 33.84
N SER B 10 8.77 -22.88 -6.14
CA SER B 10 9.97 -22.45 -6.84
C SER B 10 10.71 -21.37 -6.06
N VAL B 11 11.80 -20.87 -6.65
CA VAL B 11 12.60 -19.82 -6.02
C VAL B 11 12.68 -18.59 -6.92
N THR B 12 13.62 -17.69 -6.65
CA THR B 12 13.69 -16.44 -7.42
C THR B 12 15.12 -15.96 -7.71
N GLU B 13 15.38 -15.65 -8.98
CA GLU B 13 16.68 -15.15 -9.41
C GLU B 13 16.84 -13.66 -9.07
N THR B 14 17.94 -13.03 -9.47
CA THR B 14 18.29 -11.70 -8.93
C THR B 14 17.52 -10.49 -9.45
N LYS B 15 16.87 -10.64 -10.60
CA LYS B 15 16.13 -9.50 -11.20
C LYS B 15 14.63 -9.74 -11.43
N GLU B 16 13.75 -9.25 -10.55
CA GLU B 16 13.97 -8.76 -9.20
C GLU B 16 14.88 -7.54 -9.01
N LEU B 17 14.77 -6.54 -9.90
CA LEU B 17 15.52 -5.29 -9.69
C LEU B 17 14.57 -4.14 -9.40
N ILE B 23 11.08 0.32 -5.73
CA ILE B 23 10.25 -0.05 -6.86
C ILE B 23 10.89 0.42 -8.17
N ALA B 24 10.41 -0.11 -9.29
CA ALA B 24 10.98 0.21 -10.59
C ALA B 24 10.04 1.10 -11.42
N ALA B 25 10.02 2.38 -11.11
CA ALA B 25 9.24 3.34 -11.88
C ALA B 25 10.10 3.99 -12.94
N HIS B 26 11.28 3.42 -13.17
CA HIS B 26 12.20 3.91 -14.19
C HIS B 26 12.44 2.81 -15.23
N SER B 27 11.41 2.50 -16.01
CA SER B 27 11.47 1.39 -16.96
C SER B 27 12.10 1.78 -18.29
N HIS B 28 12.92 2.83 -18.28
CA HIS B 28 13.50 3.36 -19.52
C HIS B 28 15.02 3.51 -19.43
N ILE B 29 15.66 2.64 -18.67
CA ILE B 29 17.11 2.73 -18.46
C ILE B 29 17.83 1.41 -18.68
N ARG B 30 18.69 1.36 -19.70
CA ARG B 30 19.47 0.17 -20.00
C ARG B 30 20.96 0.42 -19.76
N GLY B 31 21.30 1.67 -19.47
CA GLY B 31 22.68 2.03 -19.21
C GLY B 31 22.85 3.51 -18.92
N LEU B 32 24.03 4.04 -19.23
CA LEU B 32 24.34 5.44 -18.96
C LEU B 32 24.27 6.29 -20.22
N GLY B 33 23.93 5.67 -21.35
CA GLY B 33 23.90 6.36 -22.62
C GLY B 33 25.27 6.94 -22.93
N VAL B 34 26.27 6.06 -22.94
CA VAL B 34 27.67 6.48 -22.98
C VAL B 34 28.45 5.70 -24.02
N ASP B 35 29.27 6.41 -24.80
CA ASP B 35 30.15 5.78 -25.78
C ASP B 35 31.06 4.77 -25.10
N ALA B 36 31.13 3.57 -25.66
CA ALA B 36 31.86 2.47 -25.06
C ALA B 36 33.34 2.79 -24.83
N ASP B 37 33.96 3.46 -25.79
CA ASP B 37 35.39 3.76 -25.70
C ASP B 37 35.64 5.13 -25.07
N THR B 38 35.02 6.16 -25.66
CA THR B 38 35.27 7.54 -25.26
C THR B 38 34.73 7.84 -23.86
N LEU B 39 33.88 6.95 -23.36
CA LEU B 39 33.14 7.17 -22.11
C LEU B 39 32.37 8.48 -22.17
N GLU B 40 32.02 8.88 -23.39
CA GLU B 40 31.36 10.15 -23.63
C GLU B 40 29.85 9.96 -23.71
N PRO B 41 29.11 10.71 -22.89
CA PRO B 41 27.65 10.60 -22.78
C PRO B 41 26.91 11.14 -24.01
N ARG B 42 26.21 10.26 -24.71
CA ARG B 42 25.32 10.68 -25.78
C ARG B 42 23.91 10.87 -25.22
N PRO B 43 23.35 12.07 -25.37
CA PRO B 43 22.04 12.43 -24.81
C PRO B 43 20.92 11.51 -25.28
N SER B 44 20.04 11.13 -24.35
CA SER B 44 18.84 10.35 -24.64
C SER B 44 19.14 9.00 -25.29
N SER B 45 20.17 8.33 -24.79
CA SER B 45 20.49 6.98 -25.26
C SER B 45 20.32 5.98 -24.13
N GLN B 46 19.65 4.86 -24.47
CA GLN B 46 19.43 3.68 -23.60
C GLN B 46 18.23 3.61 -22.60
N GLY B 47 17.40 4.63 -22.36
CA GLY B 47 17.45 5.96 -22.92
C GLY B 47 17.21 7.01 -21.86
N LEU B 48 18.27 7.42 -21.17
CA LEU B 48 18.15 8.41 -20.12
C LEU B 48 18.68 9.76 -20.61
N VAL B 49 17.91 10.82 -20.37
CA VAL B 49 18.09 12.11 -21.02
C VAL B 49 18.92 13.12 -20.21
N GLY B 50 19.87 13.75 -20.87
CA GLY B 50 20.65 14.83 -20.26
C GLY B 50 21.57 14.35 -19.17
N GLN B 51 21.92 15.27 -18.27
CA GLN B 51 22.84 14.98 -17.16
C GLN B 51 24.14 14.36 -17.64
N GLU B 52 24.63 14.86 -18.77
CA GLU B 52 25.80 14.29 -19.43
C GLU B 52 27.04 14.32 -18.53
N LYS B 53 27.20 15.40 -17.77
CA LYS B 53 28.33 15.53 -16.85
C LYS B 53 28.33 14.42 -15.80
N ALA B 54 27.20 14.30 -15.10
CA ALA B 54 27.07 13.32 -14.03
C ALA B 54 27.15 11.89 -14.55
N ARG B 55 26.61 11.66 -15.75
CA ARG B 55 26.65 10.34 -16.37
C ARG B 55 28.07 9.95 -16.74
N LYS B 56 28.80 10.90 -17.32
CA LYS B 56 30.20 10.66 -17.69
C LYS B 56 31.02 10.40 -16.44
N ALA B 57 30.75 11.18 -15.38
CA ALA B 57 31.42 10.99 -14.10
C ALA B 57 31.16 9.60 -13.55
N ALA B 58 29.92 9.14 -13.70
CA ALA B 58 29.54 7.81 -13.27
C ALA B 58 30.31 6.74 -14.05
N ALA B 59 30.41 6.93 -15.37
CA ALA B 59 31.14 6.02 -16.23
C ALA B 59 32.61 5.95 -15.83
N VAL B 60 33.19 7.11 -15.50
CA VAL B 60 34.58 7.17 -15.05
C VAL B 60 34.75 6.41 -13.74
N VAL B 61 33.81 6.62 -12.81
CA VAL B 61 33.82 5.90 -11.54
C VAL B 61 33.79 4.39 -11.78
N LEU B 62 32.94 3.96 -12.70
CA LEU B 62 32.81 2.55 -13.02
C LEU B 62 34.08 1.99 -13.64
N GLU B 63 34.75 2.80 -14.47
CA GLU B 63 36.05 2.41 -15.01
C GLU B 63 37.08 2.36 -13.89
N MET B 64 36.87 3.18 -12.86
CA MET B 64 37.72 3.18 -11.68
C MET B 64 37.33 2.08 -10.71
N ILE B 65 36.33 1.28 -11.09
CA ILE B 65 35.94 0.13 -10.30
C ILE B 65 36.54 -1.13 -10.93
N LYS B 66 36.46 -1.23 -12.25
CA LYS B 66 37.10 -2.31 -12.98
C LYS B 66 38.61 -2.24 -12.82
N GLN B 67 39.17 -3.19 -12.06
CA GLN B 67 40.58 -3.19 -11.70
C GLN B 67 40.94 -1.82 -11.14
N GLY B 68 40.23 -1.41 -10.09
CA GLY B 68 40.25 -0.04 -9.65
C GLY B 68 41.34 0.39 -8.71
N LYS B 69 41.63 1.69 -8.75
CA LYS B 69 42.51 2.33 -7.77
C LYS B 69 41.64 2.94 -6.70
N ILE B 70 40.35 2.63 -6.75
CA ILE B 70 39.36 3.26 -5.88
C ILE B 70 39.44 2.71 -4.46
N ALA B 71 39.80 1.44 -4.32
CA ALA B 71 39.96 0.79 -3.02
C ALA B 71 38.74 0.94 -2.11
N GLY B 72 37.63 0.35 -2.51
CA GLY B 72 36.44 0.29 -1.68
C GLY B 72 35.90 1.63 -1.17
N ARG B 73 35.49 2.49 -2.10
CA ARG B 73 34.91 3.79 -1.73
C ARG B 73 33.45 3.85 -2.10
N ALA B 74 32.70 4.66 -1.36
CA ALA B 74 31.29 4.88 -1.65
C ALA B 74 31.11 6.04 -2.63
N VAL B 75 30.01 6.01 -3.37
CA VAL B 75 29.73 7.05 -4.36
C VAL B 75 28.54 7.90 -3.93
N LEU B 76 28.76 9.20 -3.79
CA LEU B 76 27.70 10.11 -3.38
C LEU B 76 27.21 10.96 -4.53
N ILE B 77 25.95 10.76 -4.92
CA ILE B 77 25.30 11.61 -5.90
C ILE B 77 24.42 12.63 -5.20
N ALA B 78 24.77 13.90 -5.34
CA ALA B 78 24.04 14.97 -4.69
C ALA B 78 23.44 15.92 -5.72
N GLY B 79 22.22 16.38 -5.46
CA GLY B 79 21.56 17.28 -6.39
C GLY B 79 20.15 17.63 -5.99
N PRO B 80 19.56 18.63 -6.66
CA PRO B 80 18.18 19.03 -6.39
C PRO B 80 17.20 17.88 -6.64
N PRO B 81 16.08 17.85 -5.92
CA PRO B 81 15.05 16.82 -6.15
C PRO B 81 14.51 16.86 -7.57
N SER B 82 13.86 15.77 -7.98
CA SER B 82 13.39 15.61 -9.36
C SER B 82 14.55 15.70 -10.35
N THR B 83 15.62 14.95 -10.06
CA THR B 83 16.77 14.87 -10.96
C THR B 83 17.26 13.42 -11.00
N GLY B 84 17.81 13.01 -12.13
CA GLY B 84 18.09 11.61 -12.39
C GLY B 84 19.20 10.93 -11.60
N LYS B 85 19.45 11.36 -10.37
CA LYS B 85 20.47 10.72 -9.54
C LYS B 85 20.12 9.26 -9.29
N THR B 86 18.83 9.00 -9.07
CA THR B 86 18.34 7.63 -8.92
C THR B 86 18.39 6.92 -10.27
N ALA B 87 17.99 7.64 -11.31
CA ALA B 87 18.04 7.13 -12.68
C ALA B 87 19.47 6.81 -13.08
N ILE B 88 20.40 7.69 -12.70
CA ILE B 88 21.81 7.47 -12.97
C ILE B 88 22.32 6.28 -12.16
N ALA B 89 21.85 6.13 -10.94
CA ALA B 89 22.22 4.98 -10.11
C ALA B 89 21.82 3.68 -10.79
N MET B 90 20.60 3.63 -11.30
CA MET B 90 20.13 2.45 -12.00
C MET B 90 20.91 2.25 -13.30
N GLY B 91 21.29 3.34 -13.94
CA GLY B 91 22.12 3.27 -15.13
C GLY B 91 23.46 2.63 -14.85
N MET B 92 24.04 3.00 -13.72
CA MET B 92 25.30 2.40 -13.26
C MET B 92 25.08 0.94 -12.96
N ALA B 93 23.91 0.61 -12.44
CA ALA B 93 23.56 -0.77 -12.15
C ALA B 93 23.46 -1.60 -13.44
N GLN B 94 23.01 -0.96 -14.51
CA GLN B 94 22.85 -1.64 -15.79
C GLN B 94 24.16 -1.73 -16.55
N SER B 95 25.08 -0.81 -16.26
CA SER B 95 26.39 -0.80 -16.92
C SER B 95 27.23 -2.00 -16.52
N LEU B 96 26.89 -2.62 -15.40
CA LEU B 96 27.55 -3.84 -14.94
C LEU B 96 26.92 -5.06 -15.59
N GLY B 97 25.76 -4.85 -16.23
CA GLY B 97 25.07 -5.93 -16.92
C GLY B 97 23.98 -6.54 -16.06
N GLN B 98 23.04 -7.22 -16.70
CA GLN B 98 21.96 -7.90 -15.99
C GLN B 98 22.51 -9.10 -15.23
N ASP B 99 21.66 -9.75 -14.45
CA ASP B 99 22.06 -10.84 -13.56
C ASP B 99 23.11 -10.36 -12.56
N VAL B 100 23.07 -9.06 -12.26
CA VAL B 100 23.92 -8.46 -11.24
C VAL B 100 23.03 -7.74 -10.23
N PRO B 101 23.09 -8.17 -8.96
CA PRO B 101 22.24 -7.68 -7.88
C PRO B 101 22.21 -6.16 -7.77
N PHE B 102 21.00 -5.61 -7.72
CA PHE B 102 20.83 -4.18 -7.51
C PHE B 102 19.64 -3.92 -6.60
N THR B 103 19.92 -3.41 -5.41
CA THR B 103 18.85 -3.16 -4.45
C THR B 103 18.78 -1.68 -4.05
N THR B 104 17.58 -1.12 -4.16
CA THR B 104 17.34 0.25 -3.78
C THR B 104 16.74 0.33 -2.38
N LEU B 105 16.88 1.48 -1.73
CA LEU B 105 16.51 1.63 -0.33
C LEU B 105 16.52 3.08 0.11
N ALA B 106 15.37 3.58 0.58
CA ALA B 106 15.34 4.88 1.22
C ALA B 106 15.99 4.74 2.59
N ALA B 107 16.76 5.76 2.99
CA ALA B 107 17.46 5.70 4.26
C ALA B 107 16.50 5.58 5.44
N SER B 108 15.39 6.30 5.37
CA SER B 108 14.42 6.32 6.46
C SER B 108 13.76 4.95 6.69
N GLU B 109 13.93 4.05 5.72
CA GLU B 109 13.41 2.70 5.83
C GLU B 109 14.18 1.89 6.87
N ILE B 110 15.39 2.33 7.19
CA ILE B 110 16.24 1.64 8.16
C ILE B 110 15.59 1.61 9.54
N PHE B 111 14.81 2.64 9.85
CA PHE B 111 14.17 2.74 11.16
C PHE B 111 12.74 2.23 11.15
N SER B 112 12.50 1.15 11.88
CA SER B 112 11.16 0.56 12.02
C SER B 112 11.10 -0.31 13.26
N LEU B 113 9.89 -0.77 13.60
CA LEU B 113 9.73 -1.69 14.72
C LEU B 113 9.94 -3.12 14.28
N GLU B 114 9.65 -3.38 13.00
CA GLU B 114 9.76 -4.71 12.42
C GLU B 114 11.14 -5.32 12.62
N MET B 115 12.17 -4.49 12.53
CA MET B 115 13.55 -4.97 12.68
C MET B 115 14.48 -3.86 13.15
N SER B 116 15.66 -4.26 13.62
CA SER B 116 16.66 -3.32 14.09
C SER B 116 17.41 -2.69 12.93
N LYS B 117 18.18 -1.65 13.22
CA LYS B 117 18.99 -0.98 12.22
C LYS B 117 20.02 -1.93 11.61
N THR B 118 20.68 -2.68 12.50
CA THR B 118 21.70 -3.64 12.09
C THR B 118 21.11 -4.70 11.16
N GLU B 119 19.92 -5.17 11.52
CA GLU B 119 19.23 -6.18 10.74
C GLU B 119 18.85 -5.67 9.36
N ALA B 120 18.24 -4.49 9.32
CA ALA B 120 17.81 -3.87 8.06
C ALA B 120 18.99 -3.62 7.14
N LEU B 121 20.07 -3.11 7.71
CA LEU B 121 21.29 -2.87 6.95
C LEU B 121 21.88 -4.18 6.43
N THR B 122 21.81 -5.22 7.25
CA THR B 122 22.33 -6.53 6.87
C THR B 122 21.55 -7.11 5.70
N GLN B 123 20.23 -7.04 5.78
CA GLN B 123 19.37 -7.51 4.69
C GLN B 123 19.63 -6.70 3.43
N ALA B 124 19.73 -5.39 3.58
CA ALA B 124 19.97 -4.50 2.46
C ALA B 124 21.27 -4.83 1.74
N PHE B 125 22.33 -5.09 2.52
CA PHE B 125 23.62 -5.43 1.95
C PHE B 125 23.64 -6.83 1.34
N ARG B 126 22.91 -7.76 1.96
CA ARG B 126 22.87 -9.13 1.47
C ARG B 126 21.95 -9.28 0.27
N LYS B 127 21.19 -8.22 -0.03
CA LYS B 127 20.40 -8.17 -1.26
C LYS B 127 21.27 -7.73 -2.42
N SER B 128 22.42 -7.13 -2.11
CA SER B 128 23.30 -6.58 -3.12
C SER B 128 24.48 -7.49 -3.45
N ILE B 129 24.50 -8.68 -2.86
CA ILE B 129 25.57 -9.63 -3.11
C ILE B 129 25.00 -10.98 -3.55
N GLY B 130 25.24 -11.32 -4.81
CA GLY B 130 24.65 -12.52 -5.38
C GLY B 130 25.60 -13.70 -5.45
N VAL B 131 25.04 -14.90 -5.30
CA VAL B 131 25.81 -16.14 -5.43
C VAL B 131 25.46 -16.80 -6.76
N ARG B 132 26.48 -17.00 -7.59
CA ARG B 132 26.26 -17.50 -8.95
C ARG B 132 26.79 -18.92 -9.12
N ILE B 133 25.89 -19.84 -9.45
CA ILE B 133 26.28 -21.23 -9.68
C ILE B 133 25.86 -21.71 -11.06
N LYS B 134 26.31 -22.90 -11.43
CA LYS B 134 25.88 -23.53 -12.67
C LYS B 134 25.07 -24.77 -12.35
N GLU B 135 23.75 -24.71 -12.56
CA GLU B 135 22.90 -25.85 -12.25
C GLU B 135 21.85 -26.11 -13.31
N GLU B 136 21.34 -27.32 -13.35
CA GLU B 136 20.33 -27.70 -14.34
C GLU B 136 18.96 -27.17 -13.94
N SER B 137 18.14 -26.90 -14.95
CA SER B 137 16.80 -26.37 -14.71
C SER B 137 15.90 -26.64 -15.91
N GLU B 138 14.60 -26.67 -15.68
CA GLU B 138 13.61 -26.89 -16.72
C GLU B 138 13.17 -25.57 -17.33
N ILE B 139 13.91 -25.09 -18.33
CA ILE B 139 13.56 -23.82 -18.97
C ILE B 139 12.66 -24.05 -20.17
N MET B 140 11.78 -23.09 -20.40
CA MET B 140 10.90 -23.10 -21.57
C MET B 140 11.44 -22.12 -22.60
N GLU B 141 11.20 -22.41 -23.87
CA GLU B 141 11.57 -21.50 -24.95
C GLU B 141 10.54 -21.59 -26.06
N GLY B 142 9.87 -20.47 -26.36
CA GLY B 142 8.84 -20.51 -27.37
C GLY B 142 8.27 -19.18 -27.79
N GLU B 143 7.31 -19.23 -28.73
CA GLU B 143 6.66 -18.04 -29.25
C GLU B 143 5.35 -17.76 -28.52
N VAL B 144 5.24 -16.54 -27.97
CA VAL B 144 4.05 -16.14 -27.24
C VAL B 144 2.85 -15.97 -28.14
N VAL B 145 1.74 -16.62 -27.79
CA VAL B 145 0.51 -16.48 -28.55
C VAL B 145 -0.44 -15.49 -27.87
N GLU B 146 -0.65 -15.66 -26.57
CA GLU B 146 -1.61 -14.80 -25.87
C GLU B 146 -1.26 -14.45 -24.42
N ILE B 147 -1.74 -13.29 -23.98
CA ILE B 147 -1.55 -12.81 -22.61
C ILE B 147 -2.84 -12.14 -22.13
N GLN B 148 -3.26 -12.45 -20.90
CA GLN B 148 -4.51 -11.90 -20.36
C GLN B 148 -4.31 -11.05 -19.11
N ILE B 149 -5.38 -10.39 -18.68
CA ILE B 149 -5.34 -9.52 -17.49
C ILE B 149 -6.42 -9.93 -16.49
N ASP B 150 -6.21 -9.60 -15.22
CA ASP B 150 -7.19 -9.89 -14.17
C ASP B 150 -7.21 -8.78 -13.11
N ARG B 151 -8.06 -8.93 -12.10
CA ARG B 151 -8.17 -7.95 -11.03
C ARG B 151 -6.99 -8.02 -10.07
N LYS B 161 -2.72 -15.63 -17.43
CA LYS B 161 -2.54 -16.87 -18.18
C LYS B 161 -1.80 -16.61 -19.49
N LEU B 162 -0.80 -17.43 -19.76
CA LEU B 162 0.07 -17.24 -20.92
C LEU B 162 -0.04 -18.37 -21.93
N THR B 163 -0.27 -18.03 -23.19
CA THR B 163 -0.34 -19.02 -24.26
C THR B 163 0.88 -18.95 -25.15
N ILE B 164 1.67 -20.03 -25.16
CA ILE B 164 2.92 -20.11 -25.91
C ILE B 164 3.02 -21.40 -26.70
N LYS B 165 3.42 -21.31 -27.97
CA LYS B 165 3.54 -22.48 -28.82
C LYS B 165 4.95 -22.68 -29.38
N THR B 166 5.20 -23.87 -29.89
CA THR B 166 6.39 -24.14 -30.69
C THR B 166 5.95 -24.69 -32.04
N THR B 167 6.91 -25.18 -32.83
CA THR B 167 6.58 -25.76 -34.12
C THR B 167 6.02 -27.18 -33.94
N ASP B 168 6.03 -27.65 -32.69
CA ASP B 168 5.60 -29.00 -32.39
C ASP B 168 4.39 -29.05 -31.46
N MET B 169 4.27 -28.05 -30.59
CA MET B 169 3.20 -28.06 -29.57
C MET B 169 2.82 -26.66 -29.10
N GLU B 170 1.63 -26.56 -28.53
CA GLU B 170 1.13 -25.30 -27.97
C GLU B 170 0.58 -25.53 -26.57
N ALA B 171 0.88 -24.62 -25.65
CA ALA B 171 0.49 -24.79 -24.25
C ALA B 171 0.00 -23.49 -23.60
N ILE B 172 -0.79 -23.66 -22.54
CA ILE B 172 -1.33 -22.54 -21.76
C ILE B 172 -1.00 -22.70 -20.29
N TYR B 173 -0.24 -21.74 -19.74
CA TYR B 173 0.18 -21.80 -18.35
C TYR B 173 -0.51 -20.72 -17.50
N ASP B 174 -0.49 -20.91 -16.19
CA ASP B 174 -1.04 -19.93 -15.26
C ASP B 174 0.11 -19.27 -14.50
N MET B 175 -0.13 -18.05 -14.02
CA MET B 175 0.91 -17.30 -13.33
C MET B 175 0.35 -16.23 -12.39
N GLY B 176 1.06 -16.00 -11.29
CA GLY B 176 0.64 -15.04 -10.28
C GLY B 176 1.24 -13.66 -10.46
N SER B 177 1.15 -12.85 -9.42
CA SER B 177 1.58 -11.46 -9.48
C SER B 177 3.06 -11.29 -9.84
N LYS B 178 3.92 -12.10 -9.21
CA LYS B 178 5.36 -12.00 -9.43
C LYS B 178 5.73 -12.26 -10.89
N MET B 179 5.17 -13.33 -11.45
CA MET B 179 5.46 -13.72 -12.83
C MET B 179 4.96 -12.67 -13.82
N ILE B 180 3.73 -12.19 -13.59
CA ILE B 180 3.15 -11.15 -14.43
C ILE B 180 4.00 -9.89 -14.41
N ASP B 181 4.44 -9.51 -13.21
CA ASP B 181 5.32 -8.36 -13.06
C ASP B 181 6.62 -8.56 -13.83
N ALA B 182 7.21 -9.74 -13.71
CA ALA B 182 8.47 -10.06 -14.35
C ALA B 182 8.37 -10.01 -15.87
N MET B 183 7.30 -10.58 -16.42
CA MET B 183 7.10 -10.59 -17.87
C MET B 183 6.76 -9.21 -18.41
N THR B 184 5.88 -8.49 -17.73
CA THR B 184 5.48 -7.16 -18.15
C THR B 184 6.63 -6.17 -18.01
N LYS B 185 7.60 -6.50 -17.17
CA LYS B 185 8.78 -5.67 -17.01
C LYS B 185 9.74 -5.87 -18.17
N GLU B 186 9.69 -7.07 -18.77
CA GLU B 186 10.57 -7.40 -19.89
C GLU B 186 9.95 -6.96 -21.23
N ARG B 187 8.86 -6.21 -21.15
CA ARG B 187 8.16 -5.70 -22.33
C ARG B 187 7.81 -6.81 -23.31
N VAL B 188 7.10 -7.82 -22.82
CA VAL B 188 6.75 -8.98 -23.63
C VAL B 188 5.28 -8.97 -24.02
N MET B 189 5.01 -9.04 -25.31
CA MET B 189 3.64 -9.11 -25.83
C MET B 189 3.48 -10.30 -26.77
N ALA B 190 2.40 -10.27 -27.55
CA ALA B 190 2.12 -11.35 -28.49
C ALA B 190 3.06 -11.33 -29.69
N GLY B 191 3.75 -12.44 -29.91
CA GLY B 191 4.65 -12.57 -31.04
C GLY B 191 6.11 -12.67 -30.64
N ASP B 192 6.38 -12.46 -29.36
CA ASP B 192 7.74 -12.49 -28.84
C ASP B 192 8.23 -13.92 -28.60
N ILE B 193 9.45 -14.20 -29.04
CA ILE B 193 10.11 -15.47 -28.74
C ILE B 193 10.90 -15.33 -27.44
N ILE B 194 10.44 -16.02 -26.39
CA ILE B 194 11.00 -15.84 -25.05
C ILE B 194 11.44 -17.15 -24.40
N SER B 195 12.14 -17.00 -23.27
CA SER B 195 12.60 -18.12 -22.46
C SER B 195 12.23 -17.92 -20.99
N ILE B 196 11.64 -18.94 -20.37
CA ILE B 196 11.20 -18.83 -18.98
C ILE B 196 11.74 -19.96 -18.10
N ASP B 197 12.54 -19.60 -17.11
CA ASP B 197 13.08 -20.56 -16.16
C ASP B 197 12.02 -20.95 -15.13
N LYS B 198 11.58 -22.20 -15.17
CA LYS B 198 10.50 -22.66 -14.30
C LYS B 198 10.95 -22.87 -12.85
N SER B 199 12.23 -22.63 -12.58
CA SER B 199 12.77 -22.79 -11.23
C SER B 199 12.91 -21.44 -10.54
N SER B 200 13.39 -20.45 -11.28
CA SER B 200 13.65 -19.13 -10.71
C SER B 200 12.64 -18.08 -11.18
N GLY B 201 12.01 -18.34 -12.33
CA GLY B 201 11.05 -17.41 -12.89
C GLY B 201 11.71 -16.33 -13.70
N LYS B 202 12.91 -16.61 -14.19
CA LYS B 202 13.67 -15.64 -14.97
C LYS B 202 13.23 -15.66 -16.44
N ILE B 203 12.55 -14.60 -16.86
CA ILE B 203 12.08 -14.49 -18.23
C ILE B 203 13.10 -13.75 -19.10
N THR B 204 13.40 -14.32 -20.26
CA THR B 204 14.34 -13.70 -21.19
C THR B 204 13.76 -13.63 -22.60
N LYS B 205 13.63 -12.41 -23.12
CA LYS B 205 13.11 -12.20 -24.47
C LYS B 205 14.21 -12.44 -25.51
N LEU B 206 14.10 -13.54 -26.25
CA LEU B 206 15.07 -13.85 -27.30
C LEU B 206 14.88 -12.94 -28.51
N GLY B 207 13.64 -12.86 -29.00
CA GLY B 207 13.39 -12.02 -30.15
C GLY B 207 11.95 -11.93 -30.60
N ARG B 208 11.76 -11.88 -31.92
CA ARG B 208 10.44 -11.75 -32.52
C ARG B 208 10.31 -12.66 -33.72
N SER B 209 9.08 -13.09 -34.01
CA SER B 209 8.82 -13.90 -35.20
C SER B 209 8.25 -13.03 -36.31
N TYR B 210 7.84 -11.82 -35.96
CA TYR B 210 7.34 -10.84 -36.93
C TYR B 210 7.29 -9.44 -36.35
N ALA B 211 6.60 -8.53 -37.04
CA ALA B 211 6.50 -7.15 -36.62
C ALA B 211 5.30 -6.94 -35.69
N LYS B 224 14.72 -8.16 -33.01
CA LYS B 224 15.49 -9.20 -33.70
C LYS B 224 14.57 -10.30 -34.21
N PHE B 225 14.66 -10.57 -35.51
CA PHE B 225 13.77 -11.52 -36.16
C PHE B 225 14.29 -12.96 -36.07
N LEU B 226 13.76 -13.72 -35.10
CA LEU B 226 14.09 -15.13 -34.95
C LEU B 226 12.95 -16.01 -35.44
N GLN B 227 13.27 -17.26 -35.76
CA GLN B 227 12.25 -18.22 -36.14
C GLN B 227 11.80 -19.02 -34.91
N CYS B 228 10.59 -19.56 -34.98
CA CYS B 228 10.01 -20.29 -33.86
C CYS B 228 10.81 -21.54 -33.51
N PRO B 229 11.14 -21.71 -32.22
CA PRO B 229 11.89 -22.87 -31.71
C PRO B 229 11.17 -24.18 -32.00
N GLU B 230 11.93 -25.25 -32.18
CA GLU B 230 11.37 -26.56 -32.52
C GLU B 230 11.48 -27.54 -31.37
N GLY B 231 10.92 -28.74 -31.56
CA GLY B 231 10.99 -29.79 -30.57
C GLY B 231 10.15 -29.53 -29.35
N GLU B 232 10.58 -30.08 -28.21
CA GLU B 232 9.87 -29.91 -26.94
C GLU B 232 9.88 -28.46 -26.50
N LEU B 233 8.75 -28.02 -25.94
CA LEU B 233 8.61 -26.66 -25.42
C LEU B 233 9.44 -26.49 -24.15
N GLN B 234 9.36 -27.48 -23.27
CA GLN B 234 10.10 -27.43 -22.01
C GLN B 234 11.31 -28.35 -22.07
N LYS B 235 12.50 -27.75 -21.98
CA LYS B 235 13.74 -28.52 -22.04
C LYS B 235 14.58 -28.28 -20.79
N ARG B 236 15.32 -29.31 -20.37
CA ARG B 236 16.19 -29.19 -19.20
C ARG B 236 17.62 -28.85 -19.60
N LYS B 237 18.03 -27.60 -19.34
CA LYS B 237 19.38 -27.16 -19.68
C LYS B 237 20.19 -26.80 -18.45
N GLU B 238 21.51 -26.83 -18.57
CA GLU B 238 22.40 -26.45 -17.49
C GLU B 238 22.69 -24.96 -17.57
N VAL B 239 21.98 -24.18 -16.76
CA VAL B 239 22.08 -22.72 -16.84
C VAL B 239 22.75 -22.09 -15.62
N VAL B 240 23.06 -20.81 -15.75
CA VAL B 240 23.67 -20.05 -14.66
C VAL B 240 22.60 -19.44 -13.76
N HIS B 241 22.69 -19.71 -12.46
CA HIS B 241 21.75 -19.17 -11.50
C HIS B 241 22.43 -18.26 -10.48
N THR B 242 22.10 -16.98 -10.53
CA THR B 242 22.58 -16.05 -9.52
C THR B 242 21.44 -15.76 -8.56
N VAL B 243 21.73 -15.79 -7.26
CA VAL B 243 20.71 -15.53 -6.24
C VAL B 243 21.34 -14.80 -5.05
N SER B 244 20.77 -13.65 -4.70
CA SER B 244 21.30 -12.83 -3.61
C SER B 244 21.31 -13.60 -2.28
N LEU B 245 22.28 -13.26 -1.42
CA LEU B 245 22.42 -13.91 -0.12
C LEU B 245 21.14 -13.82 0.72
N HIS B 246 20.50 -12.66 0.68
CA HIS B 246 19.26 -12.47 1.42
C HIS B 246 18.16 -13.40 0.91
N GLU B 247 18.08 -13.53 -0.42
CA GLU B 247 17.09 -14.42 -1.03
C GLU B 247 17.34 -15.86 -0.59
N ILE B 248 18.60 -16.25 -0.56
CA ILE B 248 18.98 -17.59 -0.10
C ILE B 248 18.56 -17.78 1.36
N ASP B 249 18.71 -16.71 2.15
CA ASP B 249 18.29 -16.75 3.55
C ASP B 249 16.77 -16.96 3.65
N VAL B 250 16.03 -16.27 2.80
CA VAL B 250 14.57 -16.34 2.81
C VAL B 250 14.08 -17.72 2.39
N ILE B 251 14.69 -18.26 1.35
CA ILE B 251 14.33 -19.59 0.86
C ILE B 251 14.49 -20.64 1.95
N ASN B 252 15.61 -20.60 2.64
CA ASN B 252 15.89 -21.54 3.71
C ASN B 252 15.35 -21.06 5.07
N SER B 253 14.21 -20.38 5.03
CA SER B 253 13.54 -19.93 6.24
C SER B 253 12.05 -20.20 6.13
N ARG B 254 11.34 -20.12 7.25
CA ARG B 254 9.89 -20.28 7.23
C ARG B 254 9.26 -19.24 6.33
N THR B 255 8.70 -19.69 5.21
CA THR B 255 8.09 -18.80 4.24
C THR B 255 7.04 -17.89 4.88
N GLN B 256 7.20 -16.59 4.67
CA GLN B 256 6.31 -15.58 5.23
C GLN B 256 4.86 -15.84 4.86
N GLY B 257 4.01 -16.01 5.88
CA GLY B 257 2.62 -16.33 5.67
C GLY B 257 1.83 -15.24 4.96
N PHE B 258 0.64 -15.59 4.51
CA PHE B 258 -0.24 -14.64 3.85
C PHE B 258 -0.60 -13.51 4.80
N LEU B 259 -0.66 -12.29 4.27
CA LEU B 259 -0.90 -11.09 5.08
C LEU B 259 0.17 -10.95 6.16
N ALA B 260 1.43 -11.11 5.77
CA ALA B 260 2.54 -11.04 6.71
C ALA B 260 2.73 -9.64 7.26
N LEU B 261 2.50 -8.65 6.41
CA LEU B 261 2.64 -7.25 6.82
C LEU B 261 1.64 -6.86 7.90
N PHE B 262 0.44 -7.42 7.82
CA PHE B 262 -0.65 -7.02 8.69
C PHE B 262 -0.82 -7.95 9.88
N SER B 263 0.12 -8.87 10.03
CA SER B 263 0.20 -9.68 11.24
C SER B 263 1.37 -9.19 12.09
N GLY B 264 1.44 -9.65 13.33
CA GLY B 264 2.50 -9.24 14.23
C GLY B 264 3.87 -9.75 13.81
N ASP B 265 3.87 -10.71 12.89
CA ASP B 265 5.10 -11.32 12.40
C ASP B 265 6.08 -10.31 11.84
N THR B 266 7.28 -10.28 12.42
CA THR B 266 8.32 -9.37 11.95
C THR B 266 8.99 -9.92 10.69
N GLY B 267 10.15 -9.37 10.34
CA GLY B 267 10.81 -9.75 9.10
C GLY B 267 12.28 -10.11 9.22
N GLU B 268 12.82 -10.05 10.43
CA GLU B 268 14.23 -10.36 10.64
C GLU B 268 14.50 -11.85 10.42
N ILE B 269 15.75 -12.17 10.13
CA ILE B 269 16.13 -13.55 9.85
C ILE B 269 17.00 -14.13 10.95
N ARG B 270 16.67 -15.34 11.39
CA ARG B 270 17.39 -16.01 12.46
C ARG B 270 18.88 -16.15 12.16
N SER B 271 19.71 -15.94 13.17
CA SER B 271 21.16 -15.97 13.02
C SER B 271 21.66 -17.35 12.61
N GLU B 272 20.95 -18.39 13.06
CA GLU B 272 21.32 -19.77 12.74
C GLU B 272 21.26 -20.02 11.24
N ILE B 273 20.15 -19.61 10.63
CA ILE B 273 19.96 -19.75 9.20
C ILE B 273 21.06 -19.01 8.45
N ARG B 274 21.33 -17.77 8.85
CA ARG B 274 22.38 -16.97 8.24
C ARG B 274 23.72 -17.67 8.31
N ASP B 275 24.08 -18.17 9.48
CA ASP B 275 25.35 -18.86 9.67
C ASP B 275 25.44 -20.07 8.75
N GLN B 276 24.34 -20.81 8.65
CA GLN B 276 24.27 -21.97 7.77
C GLN B 276 24.55 -21.57 6.31
N ILE B 277 23.85 -20.54 5.86
CA ILE B 277 24.00 -20.06 4.49
C ILE B 277 25.42 -19.57 4.21
N ASN B 278 25.97 -18.78 5.12
CA ASN B 278 27.34 -18.26 4.99
C ASN B 278 28.34 -19.40 4.88
N THR B 279 28.18 -20.40 5.75
CA THR B 279 29.07 -21.56 5.75
C THR B 279 29.01 -22.32 4.43
N LYS B 280 27.79 -22.60 3.96
CA LYS B 280 27.64 -23.39 2.74
C LYS B 280 28.13 -22.63 1.51
N VAL B 281 27.92 -21.32 1.50
CA VAL B 281 28.40 -20.47 0.42
C VAL B 281 29.93 -20.43 0.42
N ALA B 282 30.51 -20.35 1.62
CA ALA B 282 31.96 -20.37 1.76
C ALA B 282 32.54 -21.69 1.25
N GLU B 283 31.90 -22.79 1.60
CA GLU B 283 32.31 -24.11 1.13
C GLU B 283 32.22 -24.20 -0.39
N TRP B 284 31.15 -23.63 -0.95
CA TRP B 284 30.96 -23.60 -2.39
C TRP B 284 32.04 -22.79 -3.10
N LYS B 285 32.45 -21.68 -2.48
CA LYS B 285 33.47 -20.82 -3.07
C LYS B 285 34.84 -21.48 -2.98
N GLU B 286 35.08 -22.21 -1.89
CA GLU B 286 36.31 -22.97 -1.75
C GLU B 286 36.38 -24.07 -2.80
N GLU B 287 35.27 -24.80 -2.94
CA GLU B 287 35.17 -25.86 -3.92
C GLU B 287 35.26 -25.32 -5.35
N GLY B 288 34.47 -24.28 -5.64
CA GLY B 288 34.44 -23.70 -6.97
C GLY B 288 33.07 -23.86 -7.61
N LYS B 289 32.12 -24.37 -6.83
CA LYS B 289 30.75 -24.52 -7.30
C LYS B 289 30.06 -23.17 -7.46
N ALA B 290 30.30 -22.29 -6.49
CA ALA B 290 29.70 -20.96 -6.51
C ALA B 290 30.73 -19.85 -6.65
N GLU B 291 30.35 -18.79 -7.34
CA GLU B 291 31.18 -17.62 -7.51
C GLU B 291 30.43 -16.40 -7.00
N ILE B 292 31.09 -15.60 -6.18
CA ILE B 292 30.45 -14.44 -5.57
C ILE B 292 30.47 -13.25 -6.53
N VAL B 293 29.29 -12.68 -6.76
CA VAL B 293 29.14 -11.52 -7.61
C VAL B 293 28.57 -10.34 -6.83
N PRO B 294 29.42 -9.37 -6.48
CA PRO B 294 28.99 -8.13 -5.81
C PRO B 294 28.08 -7.32 -6.72
N GLY B 295 27.17 -6.54 -6.12
CA GLY B 295 26.25 -5.74 -6.90
C GLY B 295 26.24 -4.28 -6.50
N VAL B 296 25.06 -3.69 -6.47
CA VAL B 296 24.92 -2.26 -6.15
C VAL B 296 23.82 -2.01 -5.12
N LEU B 297 24.18 -1.34 -4.04
CA LEU B 297 23.22 -0.91 -3.03
C LEU B 297 23.02 0.60 -3.11
N PHE B 298 21.78 1.03 -3.32
CA PHE B 298 21.49 2.44 -3.47
C PHE B 298 20.65 2.99 -2.32
N ILE B 299 21.23 3.91 -1.55
CA ILE B 299 20.54 4.52 -0.43
C ILE B 299 20.11 5.95 -0.73
N ASP B 300 18.81 6.15 -0.97
CA ASP B 300 18.29 7.47 -1.25
C ASP B 300 18.13 8.26 0.06
N GLU B 301 18.07 9.59 -0.07
CA GLU B 301 18.09 10.54 1.06
C GLU B 301 18.97 10.06 2.21
N VAL B 302 20.22 9.78 1.88
CA VAL B 302 21.19 9.20 2.82
C VAL B 302 21.40 10.07 4.06
N HIS B 303 20.98 11.33 4.00
CA HIS B 303 21.11 12.25 5.12
C HIS B 303 20.28 11.82 6.33
N MET B 304 19.37 10.86 6.12
CA MET B 304 18.53 10.36 7.20
C MET B 304 19.27 9.37 8.11
N LEU B 305 20.39 8.86 7.64
CA LEU B 305 21.17 7.89 8.41
C LEU B 305 21.92 8.56 9.56
N ASP B 306 22.09 7.83 10.66
CA ASP B 306 22.86 8.34 11.80
C ASP B 306 24.28 7.78 11.79
N ILE B 307 25.06 8.14 12.80
CA ILE B 307 26.46 7.77 12.89
C ILE B 307 26.66 6.24 12.85
N GLU B 308 25.84 5.52 13.60
CA GLU B 308 25.94 4.07 13.69
C GLU B 308 25.77 3.41 12.32
N CYS B 309 24.84 3.93 11.53
CA CYS B 309 24.60 3.43 10.18
C CYS B 309 25.85 3.58 9.31
N PHE B 310 26.49 4.74 9.39
CA PHE B 310 27.70 4.99 8.62
C PHE B 310 28.86 4.14 9.13
N SER B 311 28.84 3.81 10.41
CA SER B 311 29.82 2.88 10.97
C SER B 311 29.65 1.51 10.33
N TYR B 312 28.40 1.07 10.25
CA TYR B 312 28.09 -0.21 9.60
C TYR B 312 28.54 -0.21 8.14
N ILE B 313 28.15 0.84 7.40
CA ILE B 313 28.47 0.95 5.98
C ILE B 313 29.98 0.96 5.76
N ASN B 314 30.70 1.71 6.58
CA ASN B 314 32.15 1.76 6.49
C ASN B 314 32.80 0.42 6.79
N ARG B 315 32.29 -0.27 7.80
CA ARG B 315 32.81 -1.59 8.15
C ARG B 315 32.53 -2.62 7.06
N ALA B 316 31.43 -2.44 6.35
CA ALA B 316 31.06 -3.34 5.28
C ALA B 316 31.94 -3.15 4.05
N LEU B 317 32.29 -1.89 3.77
CA LEU B 317 33.10 -1.54 2.61
C LEU B 317 34.52 -2.12 2.66
N GLU B 318 34.93 -2.60 3.82
CA GLU B 318 36.26 -3.15 3.99
C GLU B 318 36.34 -4.61 3.53
N SER B 319 35.23 -5.33 3.62
CA SER B 319 35.19 -6.72 3.16
C SER B 319 35.30 -6.76 1.63
N ASP B 320 36.01 -7.77 1.13
CA ASP B 320 36.24 -7.89 -0.31
C ASP B 320 34.95 -8.18 -1.06
N LEU B 321 33.95 -8.71 -0.36
CA LEU B 321 32.70 -9.10 -0.98
C LEU B 321 31.71 -7.95 -1.07
N ALA B 322 32.10 -6.80 -0.53
CA ALA B 322 31.23 -5.64 -0.48
C ALA B 322 30.82 -5.16 -1.87
N PRO B 323 29.53 -4.79 -2.02
CA PRO B 323 29.01 -4.23 -3.26
C PRO B 323 29.35 -2.76 -3.40
N ILE B 324 28.97 -2.14 -4.51
CA ILE B 324 29.16 -0.71 -4.69
C ILE B 324 28.03 0.03 -3.99
N VAL B 325 28.39 0.90 -3.05
CA VAL B 325 27.42 1.66 -2.29
C VAL B 325 27.22 3.06 -2.86
N ILE B 326 26.07 3.29 -3.47
CA ILE B 326 25.73 4.59 -4.04
C ILE B 326 24.64 5.26 -3.21
N MET B 327 24.90 6.47 -2.73
CA MET B 327 23.95 7.20 -1.91
C MET B 327 23.50 8.47 -2.61
N ALA B 328 22.26 8.89 -2.37
CA ALA B 328 21.74 10.09 -3.00
C ALA B 328 21.37 11.15 -1.96
N SER B 329 21.54 12.42 -2.30
CA SER B 329 21.20 13.48 -1.36
C SER B 329 20.54 14.69 -2.03
N ASN B 330 19.47 15.18 -1.39
CA ASN B 330 18.74 16.34 -1.87
C ASN B 330 19.10 17.61 -1.10
N ARG B 331 19.80 17.44 0.01
CA ARG B 331 20.17 18.57 0.87
C ARG B 331 21.61 19.00 0.65
N GLY B 332 21.84 20.31 0.67
CA GLY B 332 23.18 20.84 0.59
C GLY B 332 23.94 20.53 1.88
N VAL B 333 23.53 21.19 2.96
CA VAL B 333 24.14 20.98 4.27
C VAL B 333 23.11 20.48 5.27
N SER B 334 23.41 19.37 5.93
CA SER B 334 22.50 18.80 6.92
C SER B 334 23.21 18.48 8.22
N ARG B 335 22.44 18.18 9.26
CA ARG B 335 23.00 17.82 10.56
C ARG B 335 23.40 16.35 10.59
N ILE B 336 24.64 16.11 11.03
CA ILE B 336 25.10 14.73 11.18
C ILE B 336 24.33 14.07 12.31
N ARG B 337 23.38 13.22 11.95
CA ARG B 337 22.49 12.60 12.92
C ARG B 337 23.26 11.69 13.88
N GLY B 338 23.08 11.94 15.17
CA GLY B 338 23.83 11.23 16.19
C GLY B 338 24.75 12.16 16.95
N THR B 339 25.20 13.22 16.29
CA THR B 339 26.09 14.21 16.89
C THR B 339 25.50 15.60 16.85
N ASP B 340 26.25 16.57 17.35
CA ASP B 340 25.82 17.97 17.36
C ASP B 340 26.65 18.82 16.39
N TYR B 341 27.11 18.19 15.32
CA TYR B 341 27.86 18.90 14.28
C TYR B 341 27.14 18.79 12.94
N LYS B 342 27.28 19.82 12.12
CA LYS B 342 26.66 19.84 10.80
C LYS B 342 27.70 19.71 9.69
N SER B 343 27.28 19.13 8.56
CA SER B 343 28.20 18.89 7.45
C SER B 343 27.43 18.82 6.13
N PRO B 344 28.14 18.94 5.00
CA PRO B 344 27.47 18.79 3.69
C PRO B 344 26.79 17.44 3.53
N HIS B 345 25.50 17.48 3.19
CA HIS B 345 24.69 16.29 2.92
C HIS B 345 24.50 15.39 4.14
N GLY B 346 24.96 15.85 5.31
CA GLY B 346 24.76 15.12 6.54
C GLY B 346 25.62 13.87 6.67
N LEU B 347 26.86 13.96 6.21
CA LEU B 347 27.79 12.85 6.32
C LEU B 347 28.93 13.18 7.27
N PRO B 348 29.39 12.19 8.04
CA PRO B 348 30.59 12.39 8.87
C PRO B 348 31.79 12.79 8.00
N LEU B 349 32.64 13.67 8.52
CA LEU B 349 33.78 14.17 7.76
C LEU B 349 34.68 13.05 7.30
N ASP B 350 34.89 12.08 8.19
CA ASP B 350 35.66 10.87 7.87
C ASP B 350 35.08 10.15 6.66
N PHE B 351 33.75 10.03 6.63
CA PHE B 351 33.06 9.37 5.53
C PHE B 351 33.16 10.20 4.26
N LEU B 352 33.03 11.52 4.41
CA LEU B 352 33.11 12.44 3.27
C LEU B 352 34.48 12.37 2.59
N ASP B 353 35.54 12.19 3.37
CA ASP B 353 36.88 12.11 2.82
C ASP B 353 37.10 10.83 2.03
N ARG B 354 36.19 9.87 2.16
CA ARG B 354 36.35 8.58 1.51
C ARG B 354 35.33 8.32 0.40
N VAL B 355 34.51 9.32 0.09
CA VAL B 355 33.51 9.14 -0.96
C VAL B 355 33.85 9.90 -2.24
N VAL B 356 33.32 9.41 -3.35
CA VAL B 356 33.44 10.10 -4.63
C VAL B 356 32.12 10.79 -4.94
N ILE B 357 32.17 12.10 -5.12
CA ILE B 357 30.95 12.90 -5.26
C ILE B 357 30.62 13.22 -6.72
N ILE B 358 29.39 12.92 -7.12
CA ILE B 358 28.90 13.27 -8.44
C ILE B 358 27.69 14.19 -8.30
N ASN B 359 27.71 15.31 -9.01
CA ASN B 359 26.64 16.31 -8.85
C ASN B 359 25.69 16.35 -10.05
N THR B 360 24.40 16.50 -9.75
CA THR B 360 23.38 16.59 -10.79
C THR B 360 22.75 17.99 -10.79
N HIS B 361 22.15 18.36 -11.92
CA HIS B 361 21.66 19.73 -12.11
C HIS B 361 20.22 19.78 -12.59
N PRO B 362 19.55 20.93 -12.40
CA PRO B 362 18.19 21.11 -12.94
C PRO B 362 18.13 20.94 -14.45
N TYR B 363 16.97 20.53 -14.96
CA TYR B 363 16.82 20.23 -16.38
C TYR B 363 16.30 21.43 -17.17
N THR B 364 16.81 21.56 -18.40
CA THR B 364 16.26 22.52 -19.34
C THR B 364 14.90 21.99 -19.81
N PRO B 365 13.96 22.90 -20.13
CA PRO B 365 12.60 22.55 -20.54
C PRO B 365 12.50 21.41 -21.57
N ASP B 366 13.44 21.38 -22.52
CA ASP B 366 13.46 20.33 -23.53
C ASP B 366 13.61 18.95 -22.88
N GLU B 367 14.63 18.82 -22.03
CA GLU B 367 14.90 17.59 -21.31
C GLU B 367 13.68 17.15 -20.51
N LEU B 368 13.02 18.12 -19.87
CA LEU B 368 11.82 17.84 -19.11
C LEU B 368 10.72 17.27 -19.99
N ARG B 369 10.48 17.92 -21.13
CA ARG B 369 9.46 17.47 -22.08
C ARG B 369 9.74 16.05 -22.56
N GLN B 370 11.00 15.79 -22.89
CA GLN B 370 11.40 14.46 -23.36
C GLN B 370 11.17 13.39 -22.29
N ILE B 371 11.70 13.64 -21.10
CA ILE B 371 11.53 12.72 -19.97
C ILE B 371 10.05 12.43 -19.71
N LEU B 372 9.24 13.49 -19.68
CA LEU B 372 7.82 13.36 -19.43
C LEU B 372 7.13 12.55 -20.52
N SER B 373 7.57 12.73 -21.76
CA SER B 373 6.98 11.99 -22.88
C SER B 373 7.32 10.50 -22.80
N ILE B 374 8.58 10.20 -22.47
CA ILE B 374 9.01 8.83 -22.28
C ILE B 374 8.21 8.17 -21.16
N ARG B 375 8.05 8.91 -20.07
CA ARG B 375 7.32 8.43 -18.91
C ARG B 375 5.84 8.25 -19.24
N ALA B 376 5.37 9.01 -20.23
CA ALA B 376 3.96 8.98 -20.60
C ALA B 376 3.65 7.80 -21.53
N GLN B 377 4.56 7.52 -22.46
CA GLN B 377 4.33 6.44 -23.42
C GLN B 377 4.44 5.08 -22.75
N GLU B 378 5.00 5.07 -21.53
CA GLU B 378 5.14 3.83 -20.77
C GLU B 378 3.98 3.67 -19.79
N GLU B 379 3.19 4.72 -19.63
CA GLU B 379 1.98 4.66 -18.82
C GLU B 379 0.76 4.49 -19.71
N GLU B 380 1.02 4.24 -20.99
CA GLU B 380 -0.02 4.04 -22.01
C GLU B 380 -0.98 5.23 -22.10
N VAL B 381 -0.41 6.43 -22.02
CA VAL B 381 -1.21 7.65 -22.08
C VAL B 381 -0.95 8.43 -23.37
N ASP B 382 -1.98 8.58 -24.19
CA ASP B 382 -1.85 9.33 -25.44
C ASP B 382 -2.12 10.81 -25.20
N LEU B 383 -1.08 11.62 -25.28
CA LEU B 383 -1.17 13.04 -24.95
C LEU B 383 -1.27 13.95 -26.16
N THR B 384 -2.00 15.05 -26.00
CA THR B 384 -2.01 16.14 -26.96
C THR B 384 -0.76 16.99 -26.72
N PRO B 385 -0.06 17.40 -27.79
CA PRO B 385 1.14 18.24 -27.70
C PRO B 385 1.01 19.40 -26.70
N ASP B 386 -0.14 20.05 -26.68
CA ASP B 386 -0.38 21.14 -25.73
C ASP B 386 -0.38 20.63 -24.29
N ALA B 387 -0.97 19.46 -24.08
CA ALA B 387 -0.98 18.83 -22.76
C ALA B 387 0.43 18.48 -22.31
N LEU B 388 1.25 18.03 -23.26
CA LEU B 388 2.64 17.69 -22.96
C LEU B 388 3.44 18.94 -22.60
N ALA B 389 3.22 20.02 -23.34
CA ALA B 389 3.91 21.29 -23.07
C ALA B 389 3.51 21.83 -21.69
N LEU B 390 2.21 21.83 -21.42
CA LEU B 390 1.70 22.28 -20.13
C LEU B 390 2.28 21.43 -19.00
N LEU B 391 2.34 20.12 -19.22
CA LEU B 391 2.94 19.21 -18.25
C LEU B 391 4.42 19.51 -18.05
N THR B 392 5.07 20.00 -19.10
CA THR B 392 6.47 20.38 -19.01
C THR B 392 6.62 21.61 -18.12
N LYS B 393 5.72 22.59 -18.30
CA LYS B 393 5.72 23.77 -17.44
C LYS B 393 5.45 23.39 -15.98
N ILE B 394 4.48 22.52 -15.77
CA ILE B 394 4.16 22.00 -14.44
C ILE B 394 5.39 21.33 -13.84
N GLY B 395 6.15 20.63 -14.68
CA GLY B 395 7.38 20.00 -14.27
C GLY B 395 8.43 21.02 -13.86
N GLN B 396 8.46 22.15 -14.57
CA GLN B 396 9.36 23.23 -14.23
C GLN B 396 9.04 23.81 -12.86
N GLU B 397 7.76 24.07 -12.63
CA GLU B 397 7.34 24.79 -11.43
C GLU B 397 7.24 23.91 -10.17
N ALA B 398 6.99 22.62 -10.35
CA ALA B 398 6.70 21.75 -9.22
C ALA B 398 7.61 20.52 -9.13
N GLY B 399 8.15 20.10 -10.27
CA GLY B 399 9.03 18.94 -10.29
C GLY B 399 8.55 17.81 -11.18
N LEU B 400 9.43 16.89 -11.48
CA LEU B 400 9.13 15.78 -12.39
C LEU B 400 8.17 14.76 -11.78
N ARG B 401 8.37 14.44 -10.51
CA ARG B 401 7.55 13.43 -9.83
C ARG B 401 6.09 13.83 -9.83
N TYR B 402 5.84 15.12 -9.61
CA TYR B 402 4.49 15.65 -9.58
C TYR B 402 3.82 15.55 -10.94
N ALA B 403 4.57 15.87 -11.99
CA ALA B 403 4.06 15.79 -13.35
C ALA B 403 3.73 14.35 -13.72
N SER B 404 4.63 13.44 -13.37
CA SER B 404 4.41 12.01 -13.58
C SER B 404 3.15 11.55 -12.86
N ASN B 405 2.96 12.06 -11.65
CA ASN B 405 1.74 11.78 -10.90
C ASN B 405 0.50 12.32 -11.61
N LEU B 406 0.67 13.45 -12.29
CA LEU B 406 -0.45 14.09 -12.99
C LEU B 406 -0.81 13.38 -14.29
N ILE B 407 0.16 12.65 -14.86
CA ILE B 407 -0.07 11.92 -16.10
C ILE B 407 -1.25 10.95 -16.01
N THR B 408 -1.19 10.04 -15.05
CA THR B 408 -2.21 9.01 -14.88
C THR B 408 -3.58 9.59 -14.53
N THR B 409 -3.58 10.58 -13.65
CA THR B 409 -4.83 11.25 -13.27
C THR B 409 -5.46 11.91 -14.50
N SER B 410 -4.62 12.51 -15.33
CA SER B 410 -5.08 13.11 -16.57
C SER B 410 -5.67 12.04 -17.49
N GLN B 411 -5.02 10.89 -17.52
CA GLN B 411 -5.53 9.75 -18.28
C GLN B 411 -6.93 9.36 -17.84
N LEU B 412 -7.14 9.29 -16.53
CA LEU B 412 -8.43 8.90 -15.98
C LEU B 412 -9.51 9.97 -16.23
N ILE B 413 -9.12 11.23 -16.13
CA ILE B 413 -10.06 12.33 -16.40
C ILE B 413 -10.47 12.30 -17.86
N ALA B 414 -9.52 11.99 -18.74
CA ALA B 414 -9.82 11.84 -20.16
C ALA B 414 -10.72 10.64 -20.40
N ALA B 415 -10.54 9.61 -19.58
CA ALA B 415 -11.34 8.39 -19.69
C ALA B 415 -12.80 8.62 -19.28
N LYS B 416 -13.00 9.38 -18.21
CA LYS B 416 -14.34 9.71 -17.73
C LYS B 416 -15.04 10.64 -18.71
N ARG B 417 -14.26 11.27 -19.57
CA ARG B 417 -14.76 12.22 -20.56
C ARG B 417 -15.08 11.53 -21.89
N ARG B 418 -14.66 10.27 -22.02
CA ARG B 418 -14.68 9.55 -23.30
C ARG B 418 -13.82 10.27 -24.32
N ALA B 419 -12.78 10.94 -23.85
CA ALA B 419 -11.89 11.70 -24.73
C ALA B 419 -11.06 10.77 -25.58
N LYS B 420 -10.92 11.12 -26.86
CA LYS B 420 -10.13 10.33 -27.79
C LYS B 420 -8.65 10.41 -27.44
N GLN B 421 -8.28 11.52 -26.81
CA GLN B 421 -6.90 11.72 -26.37
C GLN B 421 -6.87 12.61 -25.13
N VAL B 422 -5.78 12.55 -24.38
CA VAL B 422 -5.64 13.36 -23.19
C VAL B 422 -5.17 14.77 -23.54
N GLY B 423 -6.12 15.69 -23.67
CA GLY B 423 -5.82 17.06 -24.06
C GLY B 423 -5.33 17.93 -22.92
N VAL B 424 -5.16 19.21 -23.20
CA VAL B 424 -4.67 20.17 -22.22
C VAL B 424 -5.70 20.39 -21.11
N GLU B 425 -6.98 20.27 -21.46
CA GLU B 425 -8.07 20.48 -20.52
C GLU B 425 -8.01 19.51 -19.35
N ASP B 426 -7.71 18.25 -19.65
CA ASP B 426 -7.61 17.21 -18.62
C ASP B 426 -6.45 17.48 -17.67
N VAL B 427 -5.31 17.89 -18.23
CA VAL B 427 -4.14 18.21 -17.43
C VAL B 427 -4.41 19.39 -16.51
N GLN B 428 -5.06 20.42 -17.05
CA GLN B 428 -5.44 21.59 -16.26
C GLN B 428 -6.39 21.20 -15.13
N ARG B 429 -7.37 20.36 -15.45
CA ARG B 429 -8.34 19.92 -14.45
C ARG B 429 -7.66 19.13 -13.33
N SER B 430 -6.79 18.19 -13.69
CA SER B 430 -6.07 17.40 -12.69
C SER B 430 -5.15 18.29 -11.88
N PHE B 431 -4.64 19.35 -12.50
CA PHE B 431 -3.75 20.28 -11.83
C PHE B 431 -4.53 21.11 -10.81
N LYS B 432 -5.78 21.41 -11.11
CA LYS B 432 -6.63 22.15 -10.18
C LYS B 432 -7.28 21.23 -9.15
N LEU B 433 -7.22 19.92 -9.39
CA LEU B 433 -7.79 18.94 -8.48
C LEU B 433 -6.77 18.41 -7.48
N PHE B 434 -5.59 18.04 -7.99
CA PHE B 434 -4.54 17.49 -7.15
C PHE B 434 -3.38 18.47 -6.99
N TYR B 435 -3.28 19.08 -5.81
CA TYR B 435 -2.26 20.08 -5.54
C TYR B 435 -0.88 19.48 -5.30
N ASP B 436 0.14 20.31 -5.53
CA ASP B 436 1.52 19.95 -5.20
C ASP B 436 1.85 20.49 -3.82
N PRO B 437 2.91 19.96 -3.16
CA PRO B 437 3.28 20.35 -1.80
C PRO B 437 3.30 21.86 -1.52
N ALA B 438 3.86 22.64 -2.44
CA ALA B 438 3.95 24.09 -2.27
C ALA B 438 2.56 24.73 -2.16
N ARG B 439 1.73 24.51 -3.17
CA ARG B 439 0.37 25.02 -3.17
C ARG B 439 -0.43 24.44 -2.02
N SER B 440 -0.04 23.24 -1.57
CA SER B 440 -0.73 22.58 -0.46
C SER B 440 -0.50 23.34 0.85
N VAL B 441 0.77 23.51 1.23
CA VAL B 441 1.09 24.21 2.46
C VAL B 441 0.65 25.67 2.38
N ARG B 442 0.68 26.23 1.17
CA ARG B 442 0.20 27.59 0.95
C ARG B 442 -1.29 27.68 1.25
N PHE B 443 -2.03 26.71 0.72
CA PHE B 443 -3.48 26.65 0.90
C PHE B 443 -3.88 26.43 2.35
N VAL B 444 -3.13 25.57 3.06
CA VAL B 444 -3.41 25.31 4.46
C VAL B 444 -3.06 26.54 5.30
N GLN B 445 -1.98 27.23 4.93
CA GLN B 445 -1.60 28.45 5.62
C GLN B 445 -2.56 29.61 5.31
N GLU B 446 -3.34 29.46 4.24
CA GLU B 446 -4.27 30.51 3.82
C GLU B 446 -5.42 30.69 4.82
N SER B 447 -5.54 29.75 5.77
CA SER B 447 -6.54 29.86 6.82
C SER B 447 -6.26 31.07 7.71
N GLU B 448 -4.99 31.46 7.79
CA GLU B 448 -4.57 32.62 8.55
C GLU B 448 -3.72 33.54 7.67
N LYS B 449 -4.37 34.41 6.90
CA LYS B 449 -3.67 35.26 5.94
C LYS B 449 -2.89 36.36 6.66
N ARG B 450 -1.86 36.87 5.98
CA ARG B 450 -0.91 37.76 6.62
C ARG B 450 -1.10 39.23 6.21
N LEU B 451 -1.87 39.46 5.16
CA LEU B 451 -2.08 40.81 4.66
C LEU B 451 -3.31 40.96 3.75
N ILE B 452 -3.84 42.17 3.68
CA ILE B 452 -4.95 42.50 2.78
C ILE B 452 -4.81 43.95 2.32
N GLY B 453 -4.43 44.82 3.26
CA GLY B 453 -4.10 46.20 2.94
C GLY B 453 -2.69 46.49 3.41
N ASN B 454 -2.26 45.73 4.42
CA ASN B 454 -0.91 45.85 4.98
C ASN B 454 -0.48 44.56 5.66
N ASP B 455 0.83 44.42 5.88
CA ASP B 455 1.37 43.26 6.58
C ASP B 455 0.80 43.17 8.00
N GLY B 456 0.43 41.96 8.42
CA GLY B 456 -0.20 41.77 9.71
C GLY B 456 0.39 40.63 10.52
N VAL B 457 0.89 40.96 11.71
CA VAL B 457 1.44 39.97 12.63
C VAL B 457 1.47 40.50 14.06
PB ADP C . -12.27 17.40 9.32
O1B ADP C . -12.24 17.95 7.90
O2B ADP C . -10.89 16.82 9.62
O3B ADP C . -12.70 18.40 10.33
PA ADP C . -14.79 15.99 9.76
O1A ADP C . -15.56 15.35 8.60
O2A ADP C . -14.84 15.09 10.93
O3A ADP C . -13.28 16.17 9.28
O5' ADP C . -15.44 17.43 10.05
C5' ADP C . -16.39 18.08 9.18
C4' ADP C . -17.78 17.94 9.74
O4' ADP C . -18.69 18.73 8.96
C3' ADP C . -18.36 16.54 9.71
O3' ADP C . -19.40 16.40 10.68
C2' ADP C . -18.91 16.45 8.29
O2' ADP C . -20.01 15.57 8.19
C1' ADP C . -19.37 17.90 8.03
N9 ADP C . -19.07 18.39 6.68
C8 ADP C . -18.02 19.17 6.31
N7 ADP C . -18.01 19.47 5.03
C5 ADP C . -19.12 18.83 4.53
C6 ADP C . -19.67 18.75 3.23
N6 ADP C . -19.14 19.33 2.17
N1 ADP C . -20.80 18.02 3.07
C2 ADP C . -21.34 17.43 4.15
N3 ADP C . -20.92 17.44 5.41
C4 ADP C . -19.80 18.16 5.54
PB ADP D . 15.53 11.81 -7.57
O1B ADP D . 15.92 13.29 -7.55
O2B ADP D . 16.75 11.01 -8.05
O3B ADP D . 14.99 11.32 -6.26
PA ADP D . 14.22 10.56 -9.87
O1A ADP D . 14.15 9.18 -9.19
O2A ADP D . 15.36 10.58 -10.81
O3A ADP D . 14.44 11.65 -8.73
O5' ADP D . 12.80 10.86 -10.55
C5' ADP D . 12.67 11.63 -11.75
C4' ADP D . 11.90 10.83 -12.79
O4' ADP D . 12.31 11.25 -14.10
C3' ADP D . 12.15 9.33 -12.76
O3' ADP D . 11.07 8.64 -13.37
C2' ADP D . 13.44 9.21 -13.58
O2' ADP D . 13.55 7.95 -14.22
C1' ADP D . 13.24 10.33 -14.63
N9 ADP D . 14.48 11.05 -14.94
C8 ADP D . 15.06 12.07 -14.23
N7 ADP D . 16.17 12.51 -14.74
C5 ADP D . 16.35 11.74 -15.88
C6 ADP D . 17.35 11.72 -16.87
N6 ADP D . 18.42 12.52 -16.86
N1 ADP D . 17.21 10.83 -17.88
C2 ADP D . 16.16 10.02 -17.88
N3 ADP D . 15.15 9.95 -17.01
C4 ADP D . 15.30 10.84 -16.02
#